data_2QS8
#
_entry.id   2QS8
#
_cell.length_a   144.846
_cell.length_b   144.846
_cell.length_c   101.029
_cell.angle_alpha   90.00
_cell.angle_beta   90.00
_cell.angle_gamma   90.00
#
_symmetry.space_group_name_H-M   'I 4'
#
loop_
_entity.id
_entity.type
_entity.pdbx_description
1 polymer 'Xaa-Pro Dipeptidase'
2 non-polymer 'MAGNESIUM ION'
3 non-polymer METHIONINE
4 water water
#
_entity_poly.entity_id   1
_entity_poly.type   'polypeptide(L)'
_entity_poly.pdbx_seq_one_letter_code
;(MSE)SLDVDSKTLIHAGKLIDGKSDQVQSRISIVIDGNIISDIKKGFISSNDFEDYIDLRDHTVLPGL(MSE)D(MSE)
HVHFGQEYQSKAQAPIKVERE(MSE)QAILATQHAYVTFKSGFTTVRQVGDSGLVAISLRDAINSGKLAGPRIFAAGKTI
ATTGGHADPTNGKAVDDYDYPVPEQGVVNGPYEVYAAVRQRYKDGADGIKITVTGGVLSVAKSGQNPQFTQEEVDAVVSA
AKDYG(MSE)WVAVHAHGAEG(MSE)KRAIKAGVDSIEHGTF(MSE)DLEA(MSE)DL(MSE)IENGTYYVPTISAGEFV
AEKSKIDNFFPEIVRPKAASVGPQISDTFRKAYEKGVKIAFGTDAGVQKHGTNWKEFVY(MSE)VENG(MSE)PA(MSE)
KAIQSAT(MSE)ETAKLLRIEDKLGSIESGKLADLIAVKGNPIEDISVLENVDVVIKDGLLYEGHHHHHH
;
_entity_poly.pdbx_strand_id   A,B
#
# COMPACT_ATOMS: atom_id res chain seq x y z
N SER A 7 19.85 -14.03 24.26
CA SER A 7 19.01 -15.04 23.56
C SER A 7 19.40 -15.14 22.10
N LYS A 8 19.42 -16.37 21.57
CA LYS A 8 19.79 -16.60 20.18
C LYS A 8 18.90 -17.63 19.49
N THR A 9 18.96 -17.68 18.17
CA THR A 9 18.19 -18.64 17.42
C THR A 9 19.13 -19.64 16.77
N LEU A 10 18.76 -20.91 16.86
CA LEU A 10 19.57 -21.96 16.25
C LEU A 10 18.83 -22.56 15.06
N ILE A 11 19.55 -22.71 13.95
CA ILE A 11 18.95 -23.30 12.76
C ILE A 11 19.76 -24.53 12.34
N HIS A 12 19.04 -25.64 12.14
CA HIS A 12 19.66 -26.88 11.68
C HIS A 12 19.37 -26.95 10.20
N ALA A 13 20.40 -26.76 9.39
CA ALA A 13 20.23 -26.80 7.95
C ALA A 13 20.67 -28.13 7.33
N GLY A 14 19.71 -28.84 6.75
CA GLY A 14 19.98 -30.11 6.11
C GLY A 14 21.12 -29.91 5.14
N LYS A 15 20.91 -28.95 4.24
CA LYS A 15 21.93 -28.60 3.26
C LYS A 15 22.13 -27.08 3.29
N LEU A 16 23.31 -26.64 2.88
CA LEU A 16 23.59 -25.21 2.90
C LEU A 16 24.42 -24.69 1.74
N ILE A 17 23.83 -23.73 1.00
CA ILE A 17 24.52 -23.07 -0.10
C ILE A 17 24.80 -21.71 0.56
N ASP A 18 26.06 -21.45 0.88
CA ASP A 18 26.41 -20.22 1.58
C ASP A 18 26.66 -18.97 0.75
N GLY A 19 26.79 -19.11 -0.57
CA GLY A 19 27.02 -17.95 -1.41
C GLY A 19 28.44 -17.76 -1.87
N LYS A 20 29.40 -18.32 -1.13
CA LYS A 20 30.81 -18.21 -1.47
C LYS A 20 31.35 -19.55 -2.01
N SER A 21 31.20 -20.60 -1.20
CA SER A 21 31.68 -21.93 -1.57
C SER A 21 30.89 -22.52 -2.74
N ASP A 22 31.61 -23.08 -3.71
CA ASP A 22 30.97 -23.68 -4.87
C ASP A 22 30.42 -25.05 -4.50
N GLN A 23 30.51 -25.41 -3.22
CA GLN A 23 30.04 -26.70 -2.75
C GLN A 23 28.80 -26.63 -1.89
N VAL A 24 27.90 -27.60 -2.06
CA VAL A 24 26.70 -27.65 -1.24
C VAL A 24 27.18 -28.36 0.02
N GLN A 25 27.06 -27.69 1.15
CA GLN A 25 27.50 -28.25 2.42
C GLN A 25 26.37 -29.01 3.11
N SER A 26 26.71 -30.12 3.77
CA SER A 26 25.71 -30.93 4.44
C SER A 26 25.70 -30.75 5.95
N ARG A 27 24.50 -30.77 6.53
CA ARG A 27 24.30 -30.65 7.97
C ARG A 27 25.11 -29.55 8.62
N ILE A 28 24.53 -28.36 8.68
CA ILE A 28 25.22 -27.22 9.29
C ILE A 28 24.34 -26.51 10.30
N SER A 29 24.97 -25.94 11.32
CA SER A 29 24.26 -25.19 12.35
C SER A 29 24.57 -23.72 12.21
N ILE A 30 23.53 -22.91 12.07
CA ILE A 30 23.67 -21.47 11.93
C ILE A 30 23.09 -20.84 13.19
N VAL A 31 23.84 -19.94 13.80
CA VAL A 31 23.36 -19.29 15.01
C VAL A 31 23.08 -17.83 14.76
N ILE A 32 21.87 -17.40 15.09
CA ILE A 32 21.45 -16.01 14.89
C ILE A 32 21.33 -15.27 16.21
N ASP A 33 21.98 -14.11 16.28
CA ASP A 33 21.96 -13.27 17.47
C ASP A 33 21.52 -11.87 17.00
N GLY A 34 20.29 -11.50 17.32
CA GLY A 34 19.78 -10.22 16.87
C GLY A 34 19.58 -10.31 15.37
N ASN A 35 20.14 -9.36 14.63
CA ASN A 35 20.00 -9.37 13.18
C ASN A 35 21.30 -9.87 12.52
N ILE A 36 22.16 -10.46 13.34
CA ILE A 36 23.45 -10.97 12.88
C ILE A 36 23.62 -12.48 12.96
N ILE A 37 24.39 -13.03 12.03
CA ILE A 37 24.72 -14.45 12.03
C ILE A 37 25.97 -14.49 12.91
N SER A 38 25.81 -14.96 14.15
CA SER A 38 26.92 -15.00 15.10
C SER A 38 27.85 -16.22 15.01
N ASP A 39 27.37 -17.32 14.46
CA ASP A 39 28.23 -18.49 14.37
C ASP A 39 27.73 -19.54 13.39
N ILE A 40 28.66 -20.39 12.95
CA ILE A 40 28.34 -21.45 12.00
C ILE A 40 29.17 -22.68 12.39
N LYS A 41 28.51 -23.68 12.95
CA LYS A 41 29.20 -24.88 13.36
C LYS A 41 28.75 -26.10 12.55
N LYS A 42 29.65 -27.07 12.40
CA LYS A 42 29.33 -28.28 11.66
C LYS A 42 28.48 -29.26 12.48
N GLY A 43 27.60 -29.98 11.79
CA GLY A 43 26.72 -30.92 12.45
C GLY A 43 25.55 -30.22 13.12
N PHE A 44 24.66 -31.00 13.69
CA PHE A 44 23.49 -30.44 14.36
C PHE A 44 23.78 -30.37 15.86
N ILE A 45 24.18 -29.21 16.34
CA ILE A 45 24.47 -29.03 17.75
C ILE A 45 23.19 -29.03 18.57
N SER A 46 23.32 -29.24 19.87
CA SER A 46 22.17 -29.28 20.76
C SER A 46 21.36 -27.99 20.71
N SER A 47 20.04 -28.12 20.77
CA SER A 47 19.15 -26.97 20.70
C SER A 47 18.42 -26.65 22.01
N ASN A 48 18.46 -27.58 22.96
CA ASN A 48 17.79 -27.42 24.24
C ASN A 48 18.14 -26.14 25.00
N ASP A 49 19.29 -25.56 24.69
CA ASP A 49 19.73 -24.35 25.36
C ASP A 49 19.53 -23.03 24.59
N PHE A 50 18.84 -23.09 23.45
CA PHE A 50 18.59 -21.88 22.67
C PHE A 50 17.16 -21.38 22.86
N GLU A 51 17.01 -20.07 22.94
CA GLU A 51 15.70 -19.45 23.11
C GLU A 51 14.76 -19.93 22.00
N ASP A 52 15.26 -19.97 20.76
CA ASP A 52 14.45 -20.41 19.63
C ASP A 52 15.20 -21.39 18.75
N TYR A 53 14.45 -22.31 18.17
CA TYR A 53 15.01 -23.34 17.30
C TYR A 53 14.20 -23.47 16.01
N ILE A 54 14.91 -23.52 14.88
CA ILE A 54 14.27 -23.66 13.59
C ILE A 54 14.85 -24.92 12.93
N ASP A 55 14.04 -25.96 12.89
CA ASP A 55 14.45 -27.24 12.34
C ASP A 55 14.26 -27.34 10.84
N LEU A 56 15.35 -27.21 10.09
CA LEU A 56 15.29 -27.27 8.64
C LEU A 56 16.19 -28.38 8.10
N ARG A 57 16.29 -29.47 8.86
CA ARG A 57 17.12 -30.60 8.46
C ARG A 57 16.67 -31.18 7.12
N ASP A 58 15.41 -30.98 6.80
CA ASP A 58 14.85 -31.50 5.55
C ASP A 58 14.81 -30.43 4.45
N HIS A 59 15.48 -29.31 4.70
CA HIS A 59 15.53 -28.19 3.76
C HIS A 59 16.96 -27.83 3.34
N THR A 60 17.05 -27.05 2.26
CA THR A 60 18.31 -26.54 1.78
C THR A 60 18.21 -25.04 2.08
N VAL A 61 19.17 -24.53 2.84
CA VAL A 61 19.19 -23.14 3.21
C VAL A 61 20.11 -22.35 2.27
N LEU A 62 19.70 -21.13 1.94
CA LEU A 62 20.51 -20.27 1.08
C LEU A 62 20.45 -18.85 1.63
N PRO A 63 21.36 -17.98 1.19
CA PRO A 63 21.26 -16.63 1.73
C PRO A 63 20.10 -15.94 1.00
N GLY A 64 19.59 -14.85 1.55
CA GLY A 64 18.49 -14.15 0.91
C GLY A 64 18.81 -13.81 -0.54
N LEU A 65 17.86 -14.04 -1.44
CA LEU A 65 18.09 -13.75 -2.85
C LEU A 65 17.89 -12.27 -3.20
N ASP A 67 17.24 -9.29 -6.47
CA ASP A 67 16.81 -9.01 -7.84
C ASP A 67 17.22 -7.57 -8.14
N HIS A 69 16.64 -5.75 -10.69
CA HIS A 69 15.79 -5.00 -11.61
C HIS A 69 14.31 -5.30 -11.46
N VAL A 70 13.64 -4.53 -10.61
CA VAL A 70 12.21 -4.73 -10.38
C VAL A 70 11.47 -3.40 -10.44
N HIS A 71 10.17 -3.46 -10.72
CA HIS A 71 9.34 -2.26 -10.79
C HIS A 71 8.05 -2.43 -9.98
N PHE A 72 8.18 -2.51 -8.66
CA PHE A 72 7.00 -2.67 -7.83
C PHE A 72 6.08 -1.49 -8.15
N GLY A 73 4.78 -1.76 -8.26
CA GLY A 73 3.83 -0.71 -8.56
C GLY A 73 3.22 -0.83 -9.94
N GLN A 74 3.76 -1.73 -10.74
CA GLN A 74 3.23 -1.94 -12.08
C GLN A 74 3.40 -3.38 -12.53
N GLU A 75 2.56 -3.79 -13.47
CA GLU A 75 2.58 -5.12 -14.09
C GLU A 75 1.98 -4.91 -15.46
N TYR A 76 2.79 -5.12 -16.50
CA TYR A 76 2.31 -4.90 -17.86
C TYR A 76 1.06 -5.69 -18.23
N GLN A 77 0.04 -4.97 -18.69
CA GLN A 77 -1.22 -5.58 -19.11
C GLN A 77 -1.50 -5.21 -20.56
N SER A 78 -2.17 -6.11 -21.26
CA SER A 78 -2.53 -5.88 -22.66
C SER A 78 -3.42 -4.63 -22.76
N LYS A 79 -3.56 -4.13 -23.99
CA LYS A 79 -4.41 -2.97 -24.25
C LYS A 79 -5.82 -3.24 -23.76
N ALA A 80 -6.31 -4.45 -24.00
CA ALA A 80 -7.64 -4.83 -23.57
C ALA A 80 -7.83 -4.88 -22.05
N GLN A 81 -6.78 -5.27 -21.32
CA GLN A 81 -6.86 -5.39 -19.87
C GLN A 81 -6.45 -4.15 -19.08
N ALA A 82 -5.54 -3.36 -19.65
CA ALA A 82 -5.02 -2.15 -18.99
C ALA A 82 -6.06 -1.15 -18.54
N PRO A 83 -5.95 -0.64 -17.30
CA PRO A 83 -6.92 0.35 -16.81
C PRO A 83 -6.74 1.65 -17.59
N ILE A 84 -7.78 2.47 -17.61
CA ILE A 84 -7.73 3.74 -18.33
C ILE A 84 -6.68 4.69 -17.78
N LYS A 85 -6.50 4.69 -16.46
CA LYS A 85 -5.53 5.54 -15.81
C LYS A 85 -5.08 4.87 -14.52
N VAL A 86 -3.90 5.26 -14.03
CA VAL A 86 -3.38 4.72 -12.79
C VAL A 86 -2.85 5.87 -11.93
N GLU A 87 -3.59 6.21 -10.88
CA GLU A 87 -3.19 7.30 -9.99
C GLU A 87 -1.90 6.88 -9.28
N ARG A 88 -1.16 7.87 -8.74
CA ARG A 88 0.06 7.57 -8.02
C ARG A 88 -0.27 6.76 -6.78
N GLU A 89 -1.38 7.11 -6.14
CA GLU A 89 -1.81 6.39 -4.95
C GLU A 89 -2.05 4.89 -5.29
N GLN A 91 -0.53 3.14 -7.68
CA GLN A 91 0.78 2.54 -7.91
C GLN A 91 1.40 2.11 -6.58
N ALA A 92 1.32 3.01 -5.60
CA ALA A 92 1.87 2.75 -4.27
C ALA A 92 1.15 1.59 -3.58
N ILE A 93 -0.17 1.61 -3.65
CA ILE A 93 -1.00 0.56 -3.05
C ILE A 93 -0.63 -0.80 -3.64
N LEU A 94 -0.56 -0.87 -4.97
CA LEU A 94 -0.20 -2.10 -5.64
C LEU A 94 1.25 -2.52 -5.32
N ALA A 95 2.12 -1.53 -5.12
CA ALA A 95 3.51 -1.81 -4.82
C ALA A 95 3.65 -2.56 -3.51
N THR A 96 2.83 -2.23 -2.52
CA THR A 96 2.93 -2.93 -1.23
C THR A 96 2.77 -4.43 -1.46
N GLN A 97 1.79 -4.82 -2.28
CA GLN A 97 1.54 -6.24 -2.58
C GLN A 97 2.63 -6.87 -3.45
N HIS A 98 3.09 -6.11 -4.44
CA HIS A 98 4.13 -6.59 -5.33
C HIS A 98 5.40 -6.89 -4.53
N ALA A 99 5.72 -6.02 -3.59
CA ALA A 99 6.91 -6.18 -2.78
C ALA A 99 6.78 -7.38 -1.86
N TYR A 100 5.62 -7.51 -1.23
CA TYR A 100 5.41 -8.61 -0.32
C TYR A 100 5.49 -10.00 -0.99
N VAL A 101 4.86 -10.16 -2.14
CA VAL A 101 4.92 -11.46 -2.80
C VAL A 101 6.34 -11.79 -3.29
N THR A 102 7.10 -10.74 -3.61
CA THR A 102 8.47 -10.93 -4.08
C THR A 102 9.34 -11.36 -2.91
N PHE A 103 9.07 -10.74 -1.77
CA PHE A 103 9.79 -10.99 -0.53
C PHE A 103 9.47 -12.40 -0.07
N LYS A 104 8.19 -12.75 -0.10
CA LYS A 104 7.74 -14.08 0.32
C LYS A 104 8.28 -15.18 -0.58
N SER A 105 8.64 -14.85 -1.82
CA SER A 105 9.18 -15.86 -2.73
C SER A 105 10.68 -16.11 -2.50
N GLY A 106 11.26 -15.40 -1.55
CA GLY A 106 12.66 -15.58 -1.26
C GLY A 106 13.60 -14.41 -1.52
N PHE A 107 13.11 -13.35 -2.15
CA PHE A 107 13.98 -12.20 -2.40
C PHE A 107 13.88 -11.16 -1.29
N THR A 108 14.92 -11.17 -0.46
CA THR A 108 15.00 -10.29 0.70
C THR A 108 15.57 -8.89 0.37
N THR A 109 16.21 -8.77 -0.77
CA THR A 109 16.76 -7.48 -1.17
C THR A 109 16.50 -7.31 -2.66
N VAL A 110 16.07 -6.12 -3.05
CA VAL A 110 15.83 -5.83 -4.46
C VAL A 110 16.29 -4.42 -4.80
N ARG A 111 16.58 -4.20 -6.08
CA ARG A 111 16.97 -2.89 -6.56
C ARG A 111 15.85 -2.44 -7.52
N GLN A 112 15.03 -1.47 -7.11
CA GLN A 112 13.98 -0.96 -7.99
C GLN A 112 14.62 0.09 -8.88
N VAL A 113 14.62 -0.16 -10.18
CA VAL A 113 15.23 0.78 -11.10
C VAL A 113 14.22 1.49 -11.98
N GLY A 114 13.26 2.15 -11.35
CA GLY A 114 12.25 2.91 -12.09
C GLY A 114 10.79 2.83 -11.71
N ASP A 115 10.18 3.98 -11.47
CA ASP A 115 8.75 4.10 -11.16
C ASP A 115 8.41 5.57 -11.40
N SER A 116 7.14 5.95 -11.24
CA SER A 116 6.77 7.34 -11.51
C SER A 116 7.59 8.38 -10.73
N GLY A 117 8.30 7.95 -9.70
CA GLY A 117 9.14 8.87 -8.95
C GLY A 117 9.37 8.63 -7.47
N LEU A 118 8.29 8.45 -6.71
CA LEU A 118 8.39 8.26 -5.27
C LEU A 118 7.81 6.96 -4.74
N VAL A 119 7.45 6.04 -5.64
CA VAL A 119 6.86 4.78 -5.20
C VAL A 119 7.85 3.92 -4.39
N ALA A 120 8.90 3.42 -5.03
CA ALA A 120 9.87 2.60 -4.31
C ALA A 120 10.52 3.36 -3.14
N ILE A 121 10.79 4.65 -3.33
CA ILE A 121 11.40 5.43 -2.25
C ILE A 121 10.48 5.43 -1.01
N SER A 122 9.20 5.69 -1.23
CA SER A 122 8.26 5.70 -0.11
C SER A 122 8.08 4.31 0.50
N LEU A 123 8.02 3.30 -0.36
CA LEU A 123 7.84 1.93 0.13
C LEU A 123 9.05 1.51 0.97
N ARG A 124 10.24 1.83 0.46
CA ARG A 124 11.49 1.51 1.14
C ARG A 124 11.48 2.12 2.54
N ASP A 125 11.16 3.40 2.63
CA ASP A 125 11.12 4.08 3.92
C ASP A 125 10.10 3.49 4.88
N ALA A 126 8.94 3.09 4.35
CA ALA A 126 7.88 2.51 5.17
C ALA A 126 8.33 1.16 5.71
N ILE A 127 8.96 0.37 4.85
CA ILE A 127 9.45 -0.93 5.24
C ILE A 127 10.59 -0.81 6.26
N ASN A 128 11.58 0.02 5.94
CA ASN A 128 12.72 0.19 6.84
C ASN A 128 12.34 0.72 8.21
N SER A 129 11.20 1.41 8.33
CA SER A 129 10.77 1.92 9.62
C SER A 129 9.74 1.00 10.29
N GLY A 130 9.61 -0.20 9.73
CA GLY A 130 8.69 -1.20 10.29
C GLY A 130 7.19 -1.00 10.11
N LYS A 131 6.78 -0.18 9.16
CA LYS A 131 5.36 0.06 8.93
C LYS A 131 4.68 -1.15 8.28
N LEU A 132 5.45 -1.91 7.51
CA LEU A 132 4.94 -3.11 6.86
C LEU A 132 6.11 -4.00 6.44
N ALA A 133 5.80 -5.24 6.10
CA ALA A 133 6.82 -6.19 5.70
C ALA A 133 7.16 -6.09 4.21
N GLY A 134 8.42 -6.38 3.90
CA GLY A 134 8.89 -6.33 2.53
C GLY A 134 10.39 -6.55 2.47
N PRO A 135 10.98 -6.53 1.27
CA PRO A 135 12.42 -6.73 1.14
C PRO A 135 13.18 -5.45 1.40
N ARG A 136 14.51 -5.53 1.43
CA ARG A 136 15.32 -4.34 1.61
C ARG A 136 15.29 -3.71 0.22
N ILE A 137 14.85 -2.46 0.13
CA ILE A 137 14.74 -1.81 -1.16
C ILE A 137 15.77 -0.71 -1.40
N PHE A 138 16.39 -0.75 -2.56
CA PHE A 138 17.34 0.25 -2.98
C PHE A 138 16.74 0.80 -4.27
N ALA A 139 16.30 2.05 -4.20
CA ALA A 139 15.61 2.68 -5.31
C ALA A 139 16.35 3.74 -6.09
N ALA A 140 15.96 3.87 -7.34
CA ALA A 140 16.56 4.85 -8.24
C ALA A 140 15.57 5.99 -8.51
N GLY A 141 14.35 5.85 -8.01
CA GLY A 141 13.34 6.85 -8.24
C GLY A 141 12.99 6.94 -9.73
N LYS A 142 12.77 8.15 -10.22
CA LYS A 142 12.42 8.33 -11.62
C LYS A 142 13.60 8.08 -12.55
N THR A 143 13.41 7.19 -13.53
CA THR A 143 14.45 6.88 -14.51
C THR A 143 14.68 8.15 -15.32
N ILE A 144 15.95 8.48 -15.59
CA ILE A 144 16.25 9.68 -16.33
C ILE A 144 16.38 9.39 -17.82
N ALA A 145 15.77 10.26 -18.62
CA ALA A 145 15.79 10.12 -20.06
C ALA A 145 15.90 11.48 -20.76
N THR A 146 16.17 11.42 -22.07
CA THR A 146 16.22 12.62 -22.88
C THR A 146 14.87 12.74 -23.60
N THR A 147 14.57 13.92 -24.11
CA THR A 147 13.29 14.15 -24.78
C THR A 147 12.89 13.01 -25.72
N GLY A 148 11.72 12.44 -25.47
CA GLY A 148 11.24 11.35 -26.32
C GLY A 148 11.85 10.00 -26.01
N GLY A 149 12.80 9.97 -25.08
CA GLY A 149 13.47 8.73 -24.72
C GLY A 149 12.57 7.67 -24.12
N HIS A 150 13.09 6.45 -24.06
CA HIS A 150 12.37 5.32 -23.54
C HIS A 150 11.64 5.58 -22.23
N ALA A 151 12.26 6.37 -21.36
CA ALA A 151 11.64 6.65 -20.07
C ALA A 151 11.00 8.04 -19.94
N ASP A 152 10.71 8.68 -21.07
CA ASP A 152 10.06 9.99 -21.04
C ASP A 152 8.61 9.67 -20.70
N PRO A 153 8.13 10.09 -19.53
CA PRO A 153 6.75 9.80 -19.15
C PRO A 153 5.65 10.50 -19.94
N THR A 154 6.03 11.38 -20.88
CA THR A 154 5.03 12.09 -21.68
C THR A 154 4.89 11.56 -23.10
N ASN A 155 5.59 10.47 -23.41
CA ASN A 155 5.48 9.87 -24.74
C ASN A 155 4.05 9.33 -24.89
N GLY A 156 3.65 9.10 -26.13
CA GLY A 156 2.32 8.57 -26.40
C GLY A 156 1.17 9.50 -26.05
N LYS A 157 1.45 10.80 -26.01
CA LYS A 157 0.39 11.74 -25.68
C LYS A 157 0.27 12.81 -26.73
N ALA A 158 -0.98 13.09 -27.13
CA ALA A 158 -1.26 14.11 -28.12
C ALA A 158 -0.70 15.44 -27.63
N VAL A 159 -0.34 16.27 -28.59
CA VAL A 159 0.22 17.60 -28.36
C VAL A 159 -0.38 18.42 -27.22
N ASP A 160 -1.69 18.61 -27.23
CA ASP A 160 -2.31 19.41 -26.19
C ASP A 160 -2.60 18.62 -24.92
N ASP A 161 -2.13 17.37 -24.88
CA ASP A 161 -2.38 16.52 -23.73
C ASP A 161 -1.19 16.33 -22.78
N TYR A 162 -0.17 17.17 -22.90
CA TYR A 162 0.97 17.08 -22.00
C TYR A 162 1.80 18.36 -22.01
N ASP A 163 2.53 18.60 -20.93
CA ASP A 163 3.41 19.75 -20.83
C ASP A 163 4.84 19.24 -21.03
N TYR A 164 5.68 19.99 -21.75
CA TYR A 164 7.06 19.57 -21.94
C TYR A 164 7.71 19.41 -20.56
N PRO A 165 8.26 18.23 -20.28
CA PRO A 165 8.91 17.94 -18.99
C PRO A 165 10.16 18.77 -18.75
N VAL A 166 10.45 19.01 -17.47
CA VAL A 166 11.66 19.76 -17.11
C VAL A 166 12.67 18.75 -16.58
N PRO A 167 13.96 19.14 -16.51
CA PRO A 167 15.00 18.24 -16.01
C PRO A 167 14.68 17.54 -14.69
N GLU A 168 14.12 18.26 -13.74
CA GLU A 168 13.79 17.70 -12.44
C GLU A 168 12.77 16.56 -12.55
N GLN A 169 12.00 16.53 -13.64
CA GLN A 169 11.03 15.48 -13.81
C GLN A 169 11.65 14.23 -14.47
N GLY A 170 12.96 14.28 -14.75
CA GLY A 170 13.60 13.14 -15.37
C GLY A 170 13.82 13.16 -16.88
N VAL A 171 13.51 14.28 -17.54
CA VAL A 171 13.73 14.41 -18.98
C VAL A 171 14.73 15.55 -19.19
N VAL A 172 15.88 15.19 -19.77
CA VAL A 172 16.99 16.13 -19.93
C VAL A 172 17.59 16.24 -21.32
N ASN A 173 18.38 17.30 -21.50
CA ASN A 173 19.11 17.57 -22.73
C ASN A 173 20.35 18.36 -22.30
N GLY A 174 21.53 17.82 -22.61
CA GLY A 174 22.77 18.47 -22.24
C GLY A 174 23.27 18.06 -20.86
N PRO A 175 24.54 18.31 -20.55
CA PRO A 175 25.13 17.94 -19.25
C PRO A 175 24.63 18.68 -18.02
N TYR A 176 24.23 19.94 -18.18
CA TYR A 176 23.75 20.70 -17.03
C TYR A 176 22.37 20.21 -16.60
N GLU A 177 21.50 19.93 -17.57
CA GLU A 177 20.17 19.43 -17.21
C GLU A 177 20.35 18.03 -16.61
N VAL A 178 21.38 17.31 -17.03
CA VAL A 178 21.64 15.98 -16.47
C VAL A 178 21.90 16.10 -14.98
N TYR A 179 22.75 17.05 -14.58
CA TYR A 179 23.06 17.24 -13.16
C TYR A 179 21.82 17.62 -12.36
N ALA A 180 20.97 18.47 -12.93
CA ALA A 180 19.75 18.87 -12.26
C ALA A 180 18.92 17.63 -11.99
N ALA A 181 18.81 16.76 -13.00
CA ALA A 181 18.04 15.53 -12.90
C ALA A 181 18.62 14.53 -11.89
N VAL A 182 19.94 14.38 -11.87
CA VAL A 182 20.57 13.46 -10.94
C VAL A 182 20.38 14.00 -9.52
N ARG A 183 20.64 15.28 -9.33
CA ARG A 183 20.48 15.90 -8.03
C ARG A 183 19.03 15.83 -7.54
N GLN A 184 18.06 15.90 -8.47
CA GLN A 184 16.65 15.81 -8.08
C GLN A 184 16.35 14.43 -7.51
N ARG A 185 16.97 13.40 -8.06
CA ARG A 185 16.76 12.05 -7.55
C ARG A 185 17.35 11.96 -6.14
N TYR A 186 18.48 12.63 -5.93
CA TYR A 186 19.09 12.66 -4.61
C TYR A 186 18.11 13.37 -3.66
N LYS A 187 17.52 14.44 -4.17
CA LYS A 187 16.57 15.24 -3.40
C LYS A 187 15.33 14.43 -3.04
N ASP A 188 14.83 13.63 -3.98
CA ASP A 188 13.64 12.81 -3.73
C ASP A 188 13.91 11.71 -2.71
N GLY A 189 15.18 11.34 -2.54
CA GLY A 189 15.54 10.29 -1.59
C GLY A 189 16.04 8.99 -2.23
N ALA A 190 16.40 9.02 -3.51
CA ALA A 190 16.89 7.82 -4.20
C ALA A 190 18.28 7.34 -3.73
N ASP A 191 18.52 6.03 -3.81
CA ASP A 191 19.80 5.44 -3.44
C ASP A 191 20.72 5.44 -4.65
N GLY A 192 20.12 5.36 -5.83
CA GLY A 192 20.89 5.35 -7.06
C GLY A 192 20.22 6.01 -8.24
N ILE A 193 20.85 5.87 -9.39
CA ILE A 193 20.36 6.47 -10.62
C ILE A 193 20.13 5.43 -11.70
N LYS A 194 19.10 5.67 -12.50
CA LYS A 194 18.76 4.80 -13.61
C LYS A 194 18.49 5.67 -14.84
N ILE A 195 19.08 5.32 -15.96
CA ILE A 195 18.87 6.08 -17.20
C ILE A 195 18.62 5.12 -18.37
N THR A 196 17.96 5.63 -19.40
CA THR A 196 17.73 4.85 -20.61
C THR A 196 18.70 5.43 -21.65
N VAL A 197 19.85 4.78 -21.79
CA VAL A 197 20.86 5.24 -22.72
C VAL A 197 20.52 4.93 -24.19
N THR A 198 19.51 4.10 -24.42
CA THR A 198 19.07 3.79 -25.78
C THR A 198 17.54 3.70 -25.78
N GLY A 199 16.96 3.56 -26.97
CA GLY A 199 15.52 3.43 -27.06
C GLY A 199 15.10 2.15 -26.35
N GLY A 200 13.80 1.94 -26.21
CA GLY A 200 13.31 0.76 -25.52
C GLY A 200 12.13 0.10 -26.18
N VAL A 201 11.62 -0.98 -25.58
CA VAL A 201 10.51 -1.73 -26.13
C VAL A 201 9.10 -1.29 -25.73
N LEU A 202 8.80 -1.37 -24.44
CA LEU A 202 7.48 -1.02 -23.93
C LEU A 202 7.10 0.47 -23.95
N SER A 203 7.95 1.31 -24.50
CA SER A 203 7.63 2.72 -24.57
C SER A 203 6.92 3.00 -25.88
N VAL A 204 5.96 3.93 -25.85
CA VAL A 204 5.22 4.28 -27.06
C VAL A 204 6.11 5.28 -27.79
N ALA A 205 7.10 4.75 -28.49
CA ALA A 205 8.06 5.57 -29.24
C ALA A 205 8.60 4.75 -30.42
N LYS A 206 9.05 5.44 -31.46
CA LYS A 206 9.56 4.76 -32.64
C LYS A 206 10.71 3.76 -32.44
N SER A 207 11.82 4.23 -31.85
CA SER A 207 12.99 3.37 -31.67
C SER A 207 12.98 2.45 -30.46
N GLY A 208 13.61 1.29 -30.64
CA GLY A 208 13.73 0.32 -29.57
C GLY A 208 15.19 0.11 -29.18
N GLN A 209 16.10 0.85 -29.80
CA GLN A 209 17.52 0.67 -29.49
C GLN A 209 18.53 1.76 -29.88
N ASN A 210 18.06 2.89 -30.42
CA ASN A 210 18.95 3.98 -30.84
C ASN A 210 19.63 4.68 -29.63
N PRO A 211 20.85 5.19 -29.82
CA PRO A 211 21.56 5.89 -28.73
C PRO A 211 20.82 7.18 -28.35
N GLN A 212 20.38 7.28 -27.10
CA GLN A 212 19.63 8.46 -26.65
C GLN A 212 20.34 9.39 -25.65
N PHE A 213 21.60 9.10 -25.39
CA PHE A 213 22.41 9.94 -24.51
C PHE A 213 23.70 10.19 -25.29
N THR A 214 24.18 11.43 -25.28
CA THR A 214 25.43 11.76 -25.97
C THR A 214 26.52 11.32 -24.98
N GLN A 215 27.76 11.23 -25.43
CA GLN A 215 28.84 10.81 -24.54
C GLN A 215 28.96 11.85 -23.42
N GLU A 216 28.85 13.13 -23.80
CA GLU A 216 28.93 14.21 -22.82
C GLU A 216 27.80 14.09 -21.77
N GLU A 217 26.60 13.74 -22.22
CA GLU A 217 25.48 13.60 -21.30
C GLU A 217 25.62 12.40 -20.35
N VAL A 218 26.04 11.25 -20.85
CA VAL A 218 26.19 10.11 -19.96
C VAL A 218 27.41 10.26 -19.07
N ASP A 219 28.44 10.96 -19.54
CA ASP A 219 29.62 11.20 -18.69
C ASP A 219 29.11 12.04 -17.51
N ALA A 220 28.26 13.02 -17.80
CA ALA A 220 27.70 13.91 -16.77
C ALA A 220 26.90 13.12 -15.75
N VAL A 221 26.26 12.04 -16.19
CA VAL A 221 25.47 11.19 -15.28
C VAL A 221 26.41 10.54 -14.26
N VAL A 222 27.49 9.96 -14.76
CA VAL A 222 28.45 9.29 -13.89
C VAL A 222 29.13 10.28 -12.94
N SER A 223 29.68 11.36 -13.46
CA SER A 223 30.37 12.31 -12.60
C SER A 223 29.42 12.92 -11.57
N ALA A 224 28.17 13.16 -11.96
CA ALA A 224 27.19 13.72 -11.03
C ALA A 224 26.84 12.69 -9.96
N ALA A 225 26.53 11.48 -10.38
CA ALA A 225 26.18 10.40 -9.43
C ALA A 225 27.32 10.08 -8.47
N LYS A 226 28.55 10.14 -8.97
CA LYS A 226 29.72 9.87 -8.14
C LYS A 226 29.79 10.88 -6.99
N ASP A 227 29.55 12.15 -7.29
CA ASP A 227 29.57 13.18 -6.25
C ASP A 227 28.53 12.92 -5.17
N TYR A 228 27.49 12.17 -5.50
CA TYR A 228 26.46 11.90 -4.52
C TYR A 228 26.49 10.45 -4.01
N GLY A 229 27.57 9.73 -4.32
CA GLY A 229 27.71 8.37 -3.89
C GLY A 229 26.57 7.47 -4.35
N TRP A 231 25.00 4.75 -7.30
CA TRP A 231 25.38 3.81 -8.35
C TRP A 231 24.57 4.19 -9.59
N VAL A 232 25.00 3.72 -10.75
CA VAL A 232 24.30 4.03 -11.99
C VAL A 232 23.95 2.77 -12.77
N ALA A 233 22.64 2.50 -12.89
CA ALA A 233 22.14 1.36 -13.65
C ALA A 233 21.77 1.94 -15.03
N VAL A 234 21.96 1.17 -16.09
CA VAL A 234 21.68 1.69 -17.43
C VAL A 234 20.90 0.78 -18.38
N HIS A 235 19.72 1.25 -18.78
CA HIS A 235 18.89 0.53 -19.75
C HIS A 235 19.61 0.67 -21.09
N ALA A 236 19.80 -0.43 -21.82
CA ALA A 236 20.47 -0.35 -23.11
C ALA A 236 20.30 -1.60 -23.97
N HIS A 237 19.75 -1.43 -25.16
CA HIS A 237 19.54 -2.53 -26.09
C HIS A 237 20.55 -2.38 -27.22
N GLY A 238 20.61 -1.19 -27.82
CA GLY A 238 21.53 -0.93 -28.92
C GLY A 238 22.96 -0.89 -28.40
N ALA A 239 23.89 -1.39 -29.20
CA ALA A 239 25.30 -1.44 -28.81
C ALA A 239 25.97 -0.08 -28.64
N GLU A 240 25.67 0.88 -29.52
CA GLU A 240 26.28 2.19 -29.41
C GLU A 240 25.99 2.95 -28.12
N GLY A 241 24.72 3.04 -27.74
CA GLY A 241 24.40 3.75 -26.52
C GLY A 241 25.04 3.01 -25.36
N LYS A 243 27.78 1.22 -25.21
CA LYS A 243 29.21 1.50 -25.08
C LYS A 243 29.53 2.90 -24.56
N ARG A 244 28.69 3.88 -24.88
CA ARG A 244 28.93 5.24 -24.38
C ARG A 244 28.83 5.18 -22.86
N ALA A 245 27.91 4.35 -22.36
CA ALA A 245 27.69 4.21 -20.93
C ALA A 245 28.78 3.37 -20.26
N ILE A 246 29.20 2.29 -20.91
CA ILE A 246 30.24 1.43 -20.37
C ILE A 246 31.52 2.24 -20.23
N LYS A 247 31.87 2.97 -21.29
CA LYS A 247 33.07 3.78 -21.26
C LYS A 247 32.96 4.92 -20.24
N ALA A 248 31.74 5.37 -19.96
CA ALA A 248 31.56 6.46 -19.01
C ALA A 248 31.78 5.99 -17.58
N GLY A 249 31.64 4.68 -17.35
CA GLY A 249 31.87 4.12 -16.03
C GLY A 249 30.65 3.74 -15.21
N VAL A 250 29.53 3.45 -15.87
CA VAL A 250 28.33 3.07 -15.14
C VAL A 250 28.55 1.72 -14.44
N ASP A 251 27.75 1.42 -13.43
CA ASP A 251 27.86 0.19 -12.67
C ASP A 251 27.26 -1.03 -13.33
N SER A 252 26.17 -0.86 -14.06
CA SER A 252 25.54 -1.99 -14.70
C SER A 252 24.73 -1.65 -15.95
N ILE A 253 24.66 -2.62 -16.86
CA ILE A 253 23.91 -2.51 -18.08
C ILE A 253 22.73 -3.47 -17.95
N GLU A 254 21.52 -2.97 -18.16
CA GLU A 254 20.34 -3.81 -18.07
C GLU A 254 19.94 -4.27 -19.48
N HIS A 255 19.54 -5.53 -19.62
CA HIS A 255 19.14 -6.10 -20.91
C HIS A 255 20.27 -6.34 -21.93
N GLY A 256 21.00 -5.28 -22.28
CA GLY A 256 22.10 -5.39 -23.23
C GLY A 256 21.86 -6.29 -24.42
N THR A 257 20.63 -6.26 -24.92
CA THR A 257 20.18 -7.10 -26.03
C THR A 257 21.13 -7.25 -27.23
N PHE A 258 21.62 -6.15 -27.77
CA PHE A 258 22.50 -6.24 -28.95
C PHE A 258 23.96 -5.95 -28.60
N ASP A 260 27.69 -6.18 -28.36
CA ASP A 260 28.65 -6.74 -29.32
C ASP A 260 29.96 -7.16 -28.67
N LEU A 261 30.88 -7.70 -29.45
CA LEU A 261 32.18 -8.15 -28.92
C LEU A 261 32.93 -7.01 -28.23
N GLU A 262 32.94 -5.84 -28.86
CA GLU A 262 33.63 -4.69 -28.28
C GLU A 262 33.03 -4.27 -26.94
N ALA A 263 31.71 -4.26 -26.86
CA ALA A 263 31.03 -3.87 -25.63
C ALA A 263 31.37 -4.85 -24.51
N ASP A 265 34.19 -6.71 -24.12
CA ASP A 265 35.54 -6.50 -23.60
C ASP A 265 35.58 -5.20 -22.79
N LEU A 266 34.83 -4.20 -23.21
CA LEU A 266 34.79 -2.94 -22.48
C LEU A 266 34.21 -3.20 -21.08
N ILE A 268 34.25 -5.94 -19.39
CA ILE A 268 35.19 -6.72 -18.61
C ILE A 268 36.31 -5.82 -18.10
N GLU A 269 36.80 -4.94 -18.95
CA GLU A 269 37.88 -4.02 -18.59
C GLU A 269 37.48 -3.02 -17.51
N ASN A 270 36.23 -2.57 -17.56
CA ASN A 270 35.73 -1.58 -16.60
C ASN A 270 35.04 -2.24 -15.41
N GLY A 271 34.89 -3.57 -15.46
CA GLY A 271 34.24 -4.29 -14.38
C GLY A 271 32.77 -3.92 -14.24
N THR A 272 32.07 -3.80 -15.38
CA THR A 272 30.66 -3.45 -15.38
C THR A 272 29.79 -4.70 -15.23
N TYR A 273 28.72 -4.61 -14.45
CA TYR A 273 27.83 -5.75 -14.27
C TYR A 273 26.73 -5.85 -15.34
N TYR A 274 26.44 -7.08 -15.77
CA TYR A 274 25.40 -7.33 -16.76
C TYR A 274 24.18 -7.95 -16.08
N VAL A 275 23.03 -7.27 -16.19
CA VAL A 275 21.77 -7.72 -15.61
C VAL A 275 20.89 -8.05 -16.83
N PRO A 276 20.87 -9.32 -17.24
CA PRO A 276 20.11 -9.80 -18.40
C PRO A 276 18.60 -9.64 -18.50
N THR A 277 17.86 -9.93 -17.43
CA THR A 277 16.40 -9.86 -17.48
C THR A 277 15.90 -10.72 -18.64
N ILE A 278 16.37 -11.95 -18.68
CA ILE A 278 15.96 -12.88 -19.73
C ILE A 278 14.43 -13.07 -19.70
N SER A 279 13.88 -13.21 -18.49
CA SER A 279 12.45 -13.40 -18.32
C SER A 279 11.63 -12.38 -19.09
N ALA A 280 11.90 -11.10 -18.84
CA ALA A 280 11.18 -10.02 -19.51
C ALA A 280 11.35 -10.15 -21.02
N GLY A 281 12.54 -10.58 -21.43
CA GLY A 281 12.81 -10.75 -22.85
C GLY A 281 11.86 -11.78 -23.44
N GLU A 282 11.82 -12.96 -22.82
CA GLU A 282 10.96 -14.04 -23.26
C GLU A 282 9.48 -13.62 -23.18
N PHE A 283 9.17 -12.75 -22.22
CA PHE A 283 7.81 -12.27 -22.03
C PHE A 283 7.29 -11.49 -23.24
N VAL A 284 8.03 -10.46 -23.64
CA VAL A 284 7.59 -9.65 -24.77
C VAL A 284 7.61 -10.43 -26.09
N ALA A 285 8.49 -11.42 -26.18
CA ALA A 285 8.53 -12.24 -27.38
C ALA A 285 7.22 -13.00 -27.58
N GLU A 286 6.89 -13.77 -26.54
CA GLU A 286 5.66 -14.56 -26.54
C GLU A 286 4.45 -13.67 -26.78
N LYS A 287 4.36 -12.57 -26.06
CA LYS A 287 3.23 -11.66 -26.18
C LYS A 287 3.14 -10.96 -27.53
N SER A 288 4.29 -10.79 -28.19
CA SER A 288 4.31 -10.13 -29.48
C SER A 288 3.58 -10.92 -30.57
N LYS A 289 3.26 -12.18 -30.27
CA LYS A 289 2.55 -13.02 -31.23
C LYS A 289 1.04 -12.84 -31.12
N ILE A 290 0.60 -12.19 -30.05
CA ILE A 290 -0.81 -11.95 -29.82
C ILE A 290 -1.22 -10.61 -30.41
N ASP A 291 -2.18 -10.60 -31.32
CA ASP A 291 -2.61 -9.36 -31.93
C ASP A 291 -3.18 -8.39 -30.90
N ASN A 292 -2.84 -7.11 -31.05
CA ASN A 292 -3.31 -6.04 -30.19
C ASN A 292 -3.00 -6.17 -28.70
N PHE A 293 -1.98 -6.97 -28.37
CA PHE A 293 -1.59 -7.11 -26.99
C PHE A 293 -0.81 -5.84 -26.65
N PHE A 294 0.20 -5.57 -27.48
CA PHE A 294 1.04 -4.39 -27.36
C PHE A 294 0.53 -3.31 -28.33
N PRO A 295 0.92 -2.05 -28.09
CA PRO A 295 0.47 -1.00 -29.01
C PRO A 295 1.16 -1.34 -30.33
N GLU A 296 0.61 -0.88 -31.45
CA GLU A 296 1.21 -1.18 -32.75
C GLU A 296 2.66 -0.71 -32.90
N ILE A 297 3.00 0.41 -32.27
CA ILE A 297 4.34 0.96 -32.37
C ILE A 297 5.34 0.16 -31.51
N VAL A 298 4.82 -0.50 -30.48
CA VAL A 298 5.61 -1.32 -29.56
C VAL A 298 5.85 -2.75 -30.08
N ARG A 299 4.80 -3.37 -30.62
CA ARG A 299 4.87 -4.74 -31.13
C ARG A 299 6.14 -5.13 -31.91
N PRO A 300 6.52 -4.34 -32.92
CA PRO A 300 7.71 -4.64 -33.72
C PRO A 300 8.98 -4.75 -32.87
N LYS A 301 9.13 -3.81 -31.94
CA LYS A 301 10.29 -3.75 -31.05
C LYS A 301 10.37 -4.96 -30.13
N ALA A 302 9.21 -5.38 -29.60
CA ALA A 302 9.16 -6.52 -28.71
C ALA A 302 9.54 -7.82 -29.42
N ALA A 303 9.08 -7.98 -30.67
CA ALA A 303 9.37 -9.17 -31.45
C ALA A 303 10.86 -9.25 -31.80
N SER A 304 11.49 -8.09 -31.97
CA SER A 304 12.91 -8.02 -32.29
C SER A 304 13.84 -8.21 -31.09
N VAL A 305 13.67 -7.37 -30.07
CA VAL A 305 14.51 -7.40 -28.88
C VAL A 305 14.37 -8.64 -28.00
N GLY A 306 13.15 -8.94 -27.58
CA GLY A 306 12.92 -10.07 -26.72
C GLY A 306 13.65 -11.40 -26.97
N PRO A 307 13.60 -11.97 -28.18
CA PRO A 307 14.26 -13.25 -28.50
C PRO A 307 15.78 -13.28 -28.42
N GLN A 308 16.41 -12.12 -28.60
CA GLN A 308 17.88 -12.02 -28.59
C GLN A 308 18.55 -12.03 -27.22
N ILE A 309 17.83 -11.66 -26.17
CA ILE A 309 18.44 -11.63 -24.84
C ILE A 309 19.03 -12.97 -24.39
N SER A 310 18.27 -14.05 -24.54
CA SER A 310 18.74 -15.38 -24.15
C SER A 310 20.04 -15.73 -24.87
N ASP A 311 20.13 -15.35 -26.14
CA ASP A 311 21.32 -15.62 -26.93
C ASP A 311 22.48 -14.74 -26.50
N THR A 312 22.20 -13.47 -26.25
CA THR A 312 23.24 -12.55 -25.80
C THR A 312 23.77 -12.98 -24.43
N PHE A 313 22.88 -13.47 -23.58
CA PHE A 313 23.26 -13.92 -22.24
C PHE A 313 24.37 -14.98 -22.29
N ARG A 314 24.16 -16.01 -23.11
CA ARG A 314 25.12 -17.10 -23.24
C ARG A 314 26.48 -16.55 -23.67
N LYS A 315 26.47 -15.70 -24.70
CA LYS A 315 27.70 -15.09 -25.22
C LYS A 315 28.44 -14.31 -24.13
N ALA A 316 27.70 -13.50 -23.38
CA ALA A 316 28.29 -12.69 -22.32
C ALA A 316 28.88 -13.56 -21.23
N TYR A 317 28.13 -14.59 -20.84
CA TYR A 317 28.60 -15.49 -19.79
C TYR A 317 29.88 -16.21 -20.17
N GLU A 318 29.90 -16.85 -21.33
CA GLU A 318 31.08 -17.56 -21.77
C GLU A 318 32.29 -16.64 -21.92
N LYS A 319 32.04 -15.42 -22.42
CA LYS A 319 33.10 -14.43 -22.60
C LYS A 319 33.68 -13.97 -21.26
N GLY A 320 32.97 -14.24 -20.16
CA GLY A 320 33.46 -13.84 -18.85
C GLY A 320 32.97 -12.52 -18.31
N VAL A 321 31.90 -11.97 -18.89
CA VAL A 321 31.33 -10.71 -18.43
C VAL A 321 30.68 -10.92 -17.06
N LYS A 322 30.90 -9.99 -16.14
CA LYS A 322 30.31 -10.10 -14.81
C LYS A 322 28.79 -10.05 -14.94
N ILE A 323 28.12 -10.92 -14.18
CA ILE A 323 26.68 -11.01 -14.23
C ILE A 323 26.01 -11.00 -12.86
N ALA A 324 24.96 -10.19 -12.74
CA ALA A 324 24.19 -10.10 -11.49
C ALA A 324 22.73 -10.35 -11.84
N PHE A 325 22.03 -11.08 -10.97
CA PHE A 325 20.63 -11.44 -11.15
C PHE A 325 19.65 -10.24 -11.28
N GLY A 326 18.86 -10.26 -12.35
CA GLY A 326 17.88 -9.21 -12.60
C GLY A 326 16.80 -9.69 -13.56
N THR A 327 15.54 -9.48 -13.21
CA THR A 327 14.43 -9.98 -14.02
C THR A 327 13.54 -8.99 -14.79
N ASP A 328 13.45 -7.76 -14.31
CA ASP A 328 12.61 -6.74 -14.89
C ASP A 328 11.16 -7.10 -14.58
N ALA A 329 10.96 -7.65 -13.38
CA ALA A 329 9.63 -8.00 -12.87
C ALA A 329 8.86 -6.68 -12.79
N GLY A 330 7.69 -6.64 -13.36
CA GLY A 330 6.88 -5.43 -13.44
C GLY A 330 6.39 -5.41 -14.87
N VAL A 331 7.08 -6.19 -15.67
CA VAL A 331 6.75 -6.53 -17.00
C VAL A 331 5.93 -7.78 -16.78
N GLN A 332 6.60 -8.88 -16.49
CA GLN A 332 5.90 -10.11 -16.13
C GLN A 332 5.41 -9.93 -14.71
N LYS A 333 4.56 -10.83 -14.23
CA LYS A 333 4.03 -10.74 -12.88
C LYS A 333 5.11 -10.79 -11.80
N HIS A 334 4.89 -10.05 -10.71
CA HIS A 334 5.83 -10.04 -9.59
C HIS A 334 5.65 -11.35 -8.86
N GLY A 335 6.73 -11.92 -8.37
CA GLY A 335 6.64 -13.18 -7.67
C GLY A 335 7.07 -14.37 -8.53
N THR A 336 7.26 -14.14 -9.82
CA THR A 336 7.69 -15.20 -10.70
C THR A 336 9.19 -15.03 -10.98
N ASN A 337 9.84 -14.25 -10.13
CA ASN A 337 11.26 -13.95 -10.26
C ASN A 337 12.11 -15.21 -10.43
N TRP A 338 11.75 -16.28 -9.74
CA TRP A 338 12.51 -17.53 -9.79
C TRP A 338 12.75 -18.08 -11.20
N LYS A 339 11.81 -17.86 -12.12
CA LYS A 339 11.93 -18.35 -13.49
C LYS A 339 13.23 -17.89 -14.15
N GLU A 340 13.73 -16.74 -13.72
CA GLU A 340 14.97 -16.20 -14.27
C GLU A 340 16.14 -17.19 -14.08
N PHE A 341 16.14 -17.91 -12.97
CA PHE A 341 17.17 -18.91 -12.67
C PHE A 341 17.13 -20.01 -13.73
N VAL A 342 15.93 -20.53 -13.98
CA VAL A 342 15.76 -21.58 -14.97
C VAL A 342 16.24 -21.14 -16.35
N TYR A 343 16.00 -19.86 -16.67
CA TYR A 343 16.41 -19.33 -17.96
C TYR A 343 17.93 -19.20 -18.04
N VAL A 345 20.11 -21.01 -16.51
CA VAL A 345 20.67 -22.35 -16.61
C VAL A 345 20.54 -22.89 -18.03
N GLU A 346 19.33 -22.84 -18.58
CA GLU A 346 19.10 -23.36 -19.93
C GLU A 346 19.97 -22.67 -20.97
N ASN A 347 20.49 -21.51 -20.65
CA ASN A 347 21.33 -20.79 -21.59
C ASN A 347 22.84 -20.85 -21.31
N GLY A 348 23.27 -21.88 -20.58
CA GLY A 348 24.68 -22.05 -20.32
C GLY A 348 25.28 -21.81 -18.95
N PRO A 350 25.81 -22.66 -15.12
CA PRO A 350 25.57 -23.73 -14.15
C PRO A 350 24.74 -23.22 -12.97
N ALA A 351 23.88 -24.07 -12.44
CA ALA A 351 23.02 -23.72 -11.32
C ALA A 351 23.67 -22.95 -10.15
N LYS A 353 26.41 -21.18 -10.10
CA LYS A 353 26.86 -19.87 -10.53
C LYS A 353 25.66 -18.94 -10.61
N ALA A 354 24.51 -19.48 -10.97
CA ALA A 354 23.30 -18.70 -11.06
C ALA A 354 22.88 -18.22 -9.67
N ILE A 355 22.92 -19.11 -8.69
CA ILE A 355 22.55 -18.72 -7.33
C ILE A 355 23.53 -17.70 -6.76
N GLN A 356 24.80 -17.81 -7.14
CA GLN A 356 25.81 -16.87 -6.65
C GLN A 356 25.59 -15.50 -7.29
N SER A 357 24.97 -15.47 -8.46
CA SER A 357 24.72 -14.21 -9.14
C SER A 357 23.57 -13.45 -8.50
N ALA A 358 22.79 -14.13 -7.65
CA ALA A 358 21.66 -13.50 -6.98
C ALA A 358 21.93 -13.32 -5.49
N THR A 359 23.17 -13.60 -5.09
CA THR A 359 23.57 -13.46 -3.70
C THR A 359 24.80 -12.55 -3.54
N GLU A 361 27.07 -11.68 -6.10
CA GLU A 361 27.25 -10.77 -7.23
C GLU A 361 26.35 -9.55 -7.11
N THR A 362 25.11 -9.79 -6.68
CA THR A 362 24.15 -8.71 -6.51
C THR A 362 24.60 -7.84 -5.35
N ALA A 363 25.12 -8.46 -4.29
CA ALA A 363 25.58 -7.72 -3.12
C ALA A 363 26.72 -6.76 -3.47
N LYS A 364 27.58 -7.16 -4.39
CA LYS A 364 28.70 -6.33 -4.80
C LYS A 364 28.20 -5.14 -5.63
N LEU A 365 27.27 -5.40 -6.54
CA LEU A 365 26.70 -4.35 -7.38
C LEU A 365 25.98 -3.29 -6.54
N LEU A 366 25.37 -3.73 -5.44
CA LEU A 366 24.67 -2.81 -4.54
C LEU A 366 25.59 -2.28 -3.45
N ARG A 367 26.87 -2.67 -3.50
CA ARG A 367 27.88 -2.21 -2.55
C ARG A 367 27.53 -2.56 -1.11
N ILE A 368 27.08 -3.79 -0.90
CA ILE A 368 26.72 -4.24 0.44
C ILE A 368 27.25 -5.66 0.72
N GLU A 369 28.23 -6.09 -0.07
CA GLU A 369 28.79 -7.42 0.08
C GLU A 369 29.45 -7.68 1.42
N ASP A 370 29.76 -6.63 2.17
CA ASP A 370 30.38 -6.84 3.47
C ASP A 370 29.35 -7.10 4.56
N LYS A 371 28.07 -6.97 4.23
CA LYS A 371 27.00 -7.19 5.21
C LYS A 371 25.93 -8.21 4.80
N LEU A 372 25.80 -8.46 3.50
CA LEU A 372 24.81 -9.38 2.99
C LEU A 372 25.38 -10.14 1.80
N GLY A 373 24.64 -11.11 1.29
CA GLY A 373 25.10 -11.86 0.13
C GLY A 373 25.61 -13.26 0.38
N SER A 374 25.84 -13.60 1.65
CA SER A 374 26.34 -14.93 1.98
C SER A 374 26.06 -15.28 3.43
N ILE A 375 26.00 -16.57 3.72
CA ILE A 375 25.75 -17.01 5.09
C ILE A 375 27.13 -17.23 5.70
N GLU A 376 27.62 -16.17 6.36
CA GLU A 376 28.93 -16.15 6.98
C GLU A 376 28.82 -15.40 8.30
N SER A 377 29.63 -15.79 9.26
CA SER A 377 29.63 -15.15 10.57
C SER A 377 29.89 -13.65 10.45
N GLY A 378 29.07 -12.86 11.14
CA GLY A 378 29.23 -11.42 11.10
C GLY A 378 28.22 -10.71 10.20
N LYS A 379 27.86 -11.35 9.08
CA LYS A 379 26.91 -10.73 8.16
C LYS A 379 25.49 -10.70 8.69
N LEU A 380 24.63 -9.91 8.04
CA LEU A 380 23.24 -9.79 8.46
C LEU A 380 22.49 -11.09 8.21
N ALA A 381 21.57 -11.41 9.12
CA ALA A 381 20.78 -12.64 9.04
C ALA A 381 19.62 -12.61 8.06
N ASP A 382 19.94 -12.75 6.77
CA ASP A 382 18.96 -12.80 5.71
C ASP A 382 19.09 -14.20 5.11
N LEU A 383 18.15 -15.08 5.43
CA LEU A 383 18.21 -16.45 4.94
C LEU A 383 16.88 -17.01 4.44
N ILE A 384 16.96 -17.95 3.51
CA ILE A 384 15.77 -18.58 2.97
C ILE A 384 16.02 -20.09 2.96
N ALA A 385 14.96 -20.85 2.81
CA ALA A 385 15.07 -22.30 2.78
C ALA A 385 14.05 -22.85 1.78
N VAL A 386 14.32 -24.03 1.25
CA VAL A 386 13.42 -24.64 0.28
C VAL A 386 13.59 -26.16 0.35
N LYS A 387 12.54 -26.91 0.05
CA LYS A 387 12.60 -28.35 0.05
C LYS A 387 13.13 -28.79 -1.31
N GLY A 388 14.27 -29.47 -1.31
CA GLY A 388 14.84 -29.93 -2.56
C GLY A 388 16.23 -29.38 -2.77
N ASN A 389 16.88 -29.83 -3.82
CA ASN A 389 18.24 -29.40 -4.14
C ASN A 389 18.24 -28.48 -5.35
N PRO A 390 18.45 -27.17 -5.12
CA PRO A 390 18.47 -26.18 -6.20
C PRO A 390 19.52 -26.45 -7.27
N ILE A 391 20.63 -27.08 -6.88
CA ILE A 391 21.71 -27.38 -7.80
C ILE A 391 21.32 -28.43 -8.86
N GLU A 392 20.39 -29.31 -8.50
CA GLU A 392 19.95 -30.36 -9.42
C GLU A 392 18.73 -29.95 -10.26
N ASP A 393 17.95 -29.03 -9.73
CA ASP A 393 16.76 -28.53 -10.42
C ASP A 393 16.42 -27.20 -9.77
N ILE A 394 17.08 -26.14 -10.27
CA ILE A 394 16.91 -24.79 -9.74
C ILE A 394 15.48 -24.29 -9.78
N SER A 395 14.62 -24.92 -10.58
CA SER A 395 13.22 -24.49 -10.65
C SER A 395 12.52 -24.79 -9.33
N VAL A 396 13.18 -25.53 -8.45
CA VAL A 396 12.60 -25.86 -7.17
C VAL A 396 12.51 -24.58 -6.35
N LEU A 397 13.25 -23.56 -6.76
CA LEU A 397 13.24 -22.28 -6.05
C LEU A 397 11.90 -21.56 -6.12
N GLU A 398 10.96 -22.14 -6.88
CA GLU A 398 9.63 -21.56 -6.97
C GLU A 398 8.91 -21.80 -5.66
N ASN A 399 9.37 -22.79 -4.90
CA ASN A 399 8.72 -23.15 -3.65
C ASN A 399 9.46 -22.79 -2.37
N VAL A 400 10.11 -21.63 -2.34
CA VAL A 400 10.80 -21.19 -1.14
C VAL A 400 9.72 -21.10 -0.06
N ASP A 401 9.94 -21.76 1.07
CA ASP A 401 8.93 -21.76 2.13
C ASP A 401 9.40 -21.15 3.45
N VAL A 402 10.62 -20.61 3.48
CA VAL A 402 11.14 -19.99 4.69
C VAL A 402 11.88 -18.73 4.31
N VAL A 403 11.53 -17.63 4.94
CA VAL A 403 12.20 -16.37 4.65
C VAL A 403 12.50 -15.65 5.96
N ILE A 404 13.79 -15.42 6.21
CA ILE A 404 14.24 -14.72 7.40
C ILE A 404 14.96 -13.46 6.96
N LYS A 405 14.60 -12.34 7.56
CA LYS A 405 15.20 -11.07 7.20
C LYS A 405 15.56 -10.31 8.45
N ASP A 406 16.83 -9.90 8.53
CA ASP A 406 17.35 -9.17 9.67
C ASP A 406 17.16 -9.97 10.96
N GLY A 407 17.38 -11.28 10.87
CA GLY A 407 17.24 -12.14 12.04
C GLY A 407 15.83 -12.46 12.46
N LEU A 408 14.84 -12.03 11.68
CA LEU A 408 13.44 -12.31 12.00
C LEU A 408 12.79 -13.22 10.97
N LEU A 409 11.98 -14.16 11.44
CA LEU A 409 11.30 -15.12 10.58
C LEU A 409 9.93 -14.64 10.16
N TYR A 410 9.69 -14.59 8.84
CA TYR A 410 8.42 -14.16 8.30
C TYR A 410 7.65 -15.36 7.76
N GLU A 411 8.34 -16.16 6.97
CA GLU A 411 7.74 -17.35 6.36
C GLU A 411 8.39 -18.62 6.88
N GLY A 412 7.57 -19.62 7.23
CA GLY A 412 8.08 -20.88 7.72
C GLY A 412 7.79 -21.09 9.20
N ASP B 6 -19.61 -23.09 -6.28
CA ASP B 6 -19.07 -21.94 -5.49
C ASP B 6 -18.86 -22.36 -4.04
N SER B 7 -18.84 -21.38 -3.14
CA SER B 7 -18.64 -21.64 -1.72
C SER B 7 -19.91 -22.09 -1.00
N LYS B 8 -19.75 -23.10 -0.14
CA LYS B 8 -20.85 -23.61 0.65
C LYS B 8 -20.30 -23.73 2.07
N THR B 9 -20.64 -22.77 2.92
CA THR B 9 -20.15 -22.73 4.29
C THR B 9 -21.24 -22.88 5.32
N LEU B 10 -20.95 -23.64 6.38
CA LEU B 10 -21.88 -23.84 7.48
C LEU B 10 -21.25 -23.34 8.75
N ILE B 11 -21.96 -22.49 9.49
CA ILE B 11 -21.45 -21.95 10.73
C ILE B 11 -22.35 -22.31 11.91
N HIS B 12 -21.74 -22.90 12.93
CA HIS B 12 -22.44 -23.25 14.16
C HIS B 12 -22.09 -22.13 15.13
N ALA B 13 -23.07 -21.31 15.45
CA ALA B 13 -22.87 -20.19 16.37
C ALA B 13 -23.44 -20.44 17.75
N GLY B 14 -22.60 -20.29 18.78
CA GLY B 14 -23.06 -20.48 20.14
C GLY B 14 -24.12 -19.46 20.44
N LYS B 15 -23.84 -18.21 20.09
CA LYS B 15 -24.77 -17.09 20.29
C LYS B 15 -24.82 -16.26 19.01
N LEU B 16 -25.96 -15.63 18.75
CA LEU B 16 -26.08 -14.80 17.54
C LEU B 16 -26.77 -13.47 17.79
N ILE B 17 -26.16 -12.41 17.27
CA ILE B 17 -26.71 -11.06 17.35
C ILE B 17 -26.87 -10.72 15.87
N ASP B 18 -28.11 -10.65 15.40
CA ASP B 18 -28.37 -10.39 13.99
C ASP B 18 -28.44 -8.95 13.52
N GLY B 19 -28.41 -8.00 14.43
CA GLY B 19 -28.45 -6.61 14.03
C GLY B 19 -29.83 -5.96 14.11
N LYS B 20 -30.88 -6.76 14.03
CA LYS B 20 -32.24 -6.23 14.11
C LYS B 20 -32.95 -6.59 15.42
N SER B 21 -32.93 -7.86 15.77
CA SER B 21 -33.56 -8.35 16.98
C SER B 21 -32.87 -7.82 18.23
N ASP B 22 -33.65 -7.40 19.22
CA ASP B 22 -33.08 -6.88 20.46
C ASP B 22 -32.64 -8.05 21.36
N GLN B 23 -32.98 -9.26 20.96
CA GLN B 23 -32.61 -10.46 21.72
C GLN B 23 -31.50 -11.23 21.03
N VAL B 24 -30.81 -12.07 21.79
CA VAL B 24 -29.73 -12.89 21.27
C VAL B 24 -30.27 -14.31 21.08
N GLN B 25 -29.85 -14.99 20.02
CA GLN B 25 -30.30 -16.37 19.78
C GLN B 25 -29.20 -17.33 20.22
N SER B 26 -29.60 -18.53 20.65
CA SER B 26 -28.63 -19.52 21.09
C SER B 26 -28.67 -20.72 20.13
N ARG B 27 -27.57 -21.47 20.08
CA ARG B 27 -27.48 -22.63 19.20
C ARG B 27 -28.09 -22.33 17.83
N ILE B 28 -27.34 -21.61 17.00
CA ILE B 28 -27.82 -21.23 15.69
C ILE B 28 -26.91 -21.71 14.57
N SER B 29 -27.50 -22.01 13.42
CA SER B 29 -26.76 -22.46 12.27
C SER B 29 -26.93 -21.45 11.13
N ILE B 30 -25.80 -20.99 10.61
CA ILE B 30 -25.82 -20.02 9.52
C ILE B 30 -25.27 -20.72 8.28
N VAL B 31 -26.02 -20.64 7.19
CA VAL B 31 -25.60 -21.27 5.95
C VAL B 31 -25.29 -20.20 4.90
N ILE B 32 -24.09 -20.32 4.33
CA ILE B 32 -23.62 -19.35 3.36
C ILE B 32 -23.34 -20.01 2.02
N ASP B 33 -23.78 -19.34 0.96
CA ASP B 33 -23.55 -19.81 -0.40
C ASP B 33 -22.88 -18.69 -1.16
N GLY B 34 -21.64 -18.91 -1.60
CA GLY B 34 -20.94 -17.87 -2.31
C GLY B 34 -20.73 -16.69 -1.38
N ASN B 35 -21.23 -15.52 -1.75
CA ASN B 35 -21.06 -14.32 -0.94
C ASN B 35 -22.30 -13.87 -0.16
N ILE B 36 -23.35 -14.70 -0.16
CA ILE B 36 -24.56 -14.36 0.57
C ILE B 36 -24.96 -15.39 1.64
N ILE B 37 -25.77 -14.93 2.57
CA ILE B 37 -26.28 -15.78 3.65
C ILE B 37 -27.60 -16.32 3.10
N SER B 38 -27.70 -17.64 2.98
CA SER B 38 -28.92 -18.24 2.45
C SER B 38 -30.00 -18.41 3.51
N ASP B 39 -29.65 -19.03 4.62
CA ASP B 39 -30.63 -19.24 5.69
C ASP B 39 -29.99 -19.24 7.08
N ILE B 40 -30.84 -19.14 8.09
CA ILE B 40 -30.44 -19.15 9.49
C ILE B 40 -31.42 -20.09 10.18
N LYS B 41 -30.94 -21.26 10.57
CA LYS B 41 -31.79 -22.24 11.22
C LYS B 41 -31.44 -22.52 12.67
N LYS B 42 -32.47 -22.66 13.50
CA LYS B 42 -32.29 -22.96 14.93
C LYS B 42 -31.66 -24.33 15.11
N GLY B 43 -30.69 -24.43 16.01
CA GLY B 43 -30.02 -25.70 16.24
C GLY B 43 -28.76 -25.83 15.40
N PHE B 44 -28.02 -26.92 15.59
CA PHE B 44 -26.78 -27.14 14.85
C PHE B 44 -26.96 -28.26 13.82
N ILE B 45 -27.27 -27.89 12.58
CA ILE B 45 -27.47 -28.89 11.53
C ILE B 45 -26.18 -29.65 11.18
N SER B 46 -26.35 -30.87 10.68
CA SER B 46 -25.21 -31.73 10.33
C SER B 46 -24.20 -31.09 9.39
N SER B 47 -22.92 -31.36 9.63
CA SER B 47 -21.83 -30.83 8.83
C SER B 47 -21.70 -31.58 7.50
N ASN B 48 -22.62 -32.50 7.26
CA ASN B 48 -22.64 -33.32 6.05
C ASN B 48 -22.31 -32.62 4.75
N ASP B 49 -23.33 -32.05 4.09
CA ASP B 49 -23.19 -31.36 2.81
C ASP B 49 -21.91 -30.55 2.60
N PHE B 50 -21.83 -29.40 3.25
CA PHE B 50 -20.70 -28.49 3.13
C PHE B 50 -19.34 -29.11 3.47
N GLU B 51 -18.30 -28.55 2.86
CA GLU B 51 -16.92 -28.99 3.09
C GLU B 51 -16.33 -27.99 4.06
N ASP B 52 -16.84 -26.76 3.99
CA ASP B 52 -16.40 -25.68 4.85
C ASP B 52 -17.29 -25.59 6.07
N TYR B 53 -16.76 -26.04 7.20
CA TYR B 53 -17.48 -26.01 8.47
C TYR B 53 -16.68 -25.17 9.45
N ILE B 54 -17.34 -24.16 10.01
CA ILE B 54 -16.70 -23.27 10.98
C ILE B 54 -17.42 -23.44 12.32
N ASP B 55 -16.75 -24.09 13.26
CA ASP B 55 -17.32 -24.35 14.58
C ASP B 55 -17.10 -23.18 15.55
N LEU B 56 -18.14 -22.37 15.73
CA LEU B 56 -18.07 -21.22 16.62
C LEU B 56 -19.10 -21.39 17.74
N ARG B 57 -19.34 -22.63 18.14
CA ARG B 57 -20.31 -22.92 19.19
C ARG B 57 -19.91 -22.26 20.51
N ASP B 58 -18.63 -21.94 20.65
CA ASP B 58 -18.10 -21.30 21.85
C ASP B 58 -17.91 -19.80 21.63
N HIS B 59 -18.41 -19.28 20.51
CA HIS B 59 -18.30 -17.86 20.17
C HIS B 59 -19.66 -17.19 20.00
N THR B 60 -19.62 -15.87 19.90
CA THR B 60 -20.82 -15.06 19.66
C THR B 60 -20.63 -14.46 18.27
N VAL B 61 -21.59 -14.65 17.38
CA VAL B 61 -21.49 -14.13 16.02
C VAL B 61 -22.30 -12.84 15.86
N LEU B 62 -21.72 -11.86 15.18
CA LEU B 62 -22.38 -10.58 14.93
C LEU B 62 -22.17 -10.18 13.46
N PRO B 63 -22.98 -9.24 12.97
CA PRO B 63 -22.76 -8.86 11.57
C PRO B 63 -21.49 -8.00 11.49
N GLY B 64 -20.89 -7.89 10.30
CA GLY B 64 -19.69 -7.08 10.18
C GLY B 64 -19.96 -5.70 10.75
N LEU B 65 -19.00 -5.15 11.49
CA LEU B 65 -19.18 -3.84 12.09
C LEU B 65 -18.75 -2.76 11.12
N ASP B 67 -17.74 1.60 10.54
CA ASP B 67 -17.25 2.85 11.15
C ASP B 67 -17.53 3.95 10.11
N HIS B 69 -16.60 7.02 10.16
CA HIS B 69 -15.64 8.13 10.15
C HIS B 69 -14.20 7.69 10.39
N VAL B 70 -13.49 7.37 9.31
CA VAL B 70 -12.10 6.96 9.40
C VAL B 70 -11.26 7.69 8.35
N HIS B 71 -9.97 7.77 8.61
CA HIS B 71 -9.03 8.43 7.72
C HIS B 71 -7.83 7.53 7.49
N PHE B 72 -8.01 6.47 6.71
CA PHE B 72 -6.87 5.58 6.44
C PHE B 72 -5.80 6.42 5.73
N GLY B 73 -4.53 6.21 6.10
CA GLY B 73 -3.47 6.97 5.46
C GLY B 73 -2.81 7.95 6.41
N GLN B 74 -3.46 8.19 7.54
CA GLN B 74 -2.92 9.11 8.53
C GLN B 74 -3.20 8.62 9.94
N GLU B 75 -2.31 9.00 10.85
CA GLU B 75 -2.41 8.66 12.27
C GLU B 75 -1.73 9.84 12.95
N TYR B 76 -2.52 10.65 13.66
CA TYR B 76 -1.99 11.85 14.31
C TYR B 76 -0.80 11.62 15.22
N GLN B 77 0.22 12.46 15.06
CA GLN B 77 1.43 12.37 15.86
C GLN B 77 1.80 13.74 16.42
N SER B 78 2.48 13.74 17.56
CA SER B 78 2.92 14.97 18.22
C SER B 78 3.91 15.68 17.29
N LYS B 79 4.17 16.96 17.57
CA LYS B 79 5.11 17.73 16.78
C LYS B 79 6.47 17.03 16.72
N ALA B 80 6.86 16.46 17.86
CA ALA B 80 8.15 15.78 17.95
C ALA B 80 8.23 14.48 17.13
N GLN B 81 7.15 13.72 17.09
CA GLN B 81 7.13 12.46 16.35
C GLN B 81 6.83 12.61 14.87
N ALA B 82 5.98 13.57 14.54
CA ALA B 82 5.56 13.83 13.17
C ALA B 82 6.69 13.96 12.15
N PRO B 83 6.57 13.26 11.01
CA PRO B 83 7.63 13.37 10.00
C PRO B 83 7.59 14.75 9.35
N ILE B 84 8.70 15.15 8.74
CA ILE B 84 8.80 16.45 8.09
C ILE B 84 7.81 16.60 6.94
N LYS B 85 7.67 15.55 6.14
CA LYS B 85 6.76 15.57 5.02
C LYS B 85 6.19 14.17 4.79
N VAL B 86 5.01 14.09 4.18
CA VAL B 86 4.38 12.83 3.88
C VAL B 86 3.92 12.86 2.43
N GLU B 87 4.63 12.17 1.55
CA GLU B 87 4.27 12.12 0.14
C GLU B 87 2.90 11.44 -0.01
N ARG B 88 2.24 11.67 -1.14
CA ARG B 88 0.95 11.04 -1.38
C ARG B 88 1.13 9.53 -1.37
N GLU B 89 2.21 9.06 -1.98
CA GLU B 89 2.51 7.62 -2.04
C GLU B 89 2.66 7.02 -0.64
N GLN B 91 1.17 8.10 2.09
CA GLN B 91 -0.17 8.08 2.65
C GLN B 91 -0.87 6.79 2.18
N ALA B 92 -0.79 6.54 0.87
CA ALA B 92 -1.40 5.36 0.27
C ALA B 92 -0.84 4.06 0.86
N ILE B 93 0.48 3.98 0.95
CA ILE B 93 1.14 2.80 1.51
C ILE B 93 0.66 2.57 2.94
N LEU B 94 0.72 3.61 3.76
CA LEU B 94 0.29 3.51 5.13
C LEU B 94 -1.18 3.10 5.19
N ALA B 95 -1.99 3.65 4.29
CA ALA B 95 -3.43 3.35 4.26
C ALA B 95 -3.72 1.86 4.11
N THR B 96 -2.88 1.12 3.38
CA THR B 96 -3.11 -0.30 3.21
C THR B 96 -3.03 -1.04 4.53
N GLN B 97 -2.08 -0.66 5.38
CA GLN B 97 -1.92 -1.30 6.69
C GLN B 97 -3.04 -0.86 7.64
N HIS B 98 -3.35 0.43 7.61
CA HIS B 98 -4.42 0.96 8.45
C HIS B 98 -5.74 0.26 8.14
N ALA B 99 -6.03 0.05 6.87
CA ALA B 99 -7.26 -0.61 6.47
C ALA B 99 -7.25 -2.06 6.95
N TYR B 100 -6.13 -2.73 6.77
CA TYR B 100 -6.04 -4.12 7.18
C TYR B 100 -6.27 -4.35 8.68
N VAL B 101 -5.63 -3.56 9.53
CA VAL B 101 -5.82 -3.74 10.97
C VAL B 101 -7.24 -3.41 11.39
N THR B 102 -7.83 -2.43 10.72
CA THR B 102 -9.20 -2.03 11.04
C THR B 102 -10.11 -3.20 10.64
N PHE B 103 -9.81 -3.78 9.49
CA PHE B 103 -10.57 -4.89 8.95
C PHE B 103 -10.45 -6.13 9.85
N LYS B 104 -9.24 -6.46 10.28
CA LYS B 104 -9.06 -7.63 11.14
C LYS B 104 -9.63 -7.42 12.55
N SER B 105 -9.92 -6.18 12.92
CA SER B 105 -10.49 -5.94 14.25
C SER B 105 -12.01 -6.13 14.20
N GLY B 106 -12.53 -6.47 13.01
CA GLY B 106 -13.96 -6.70 12.89
C GLY B 106 -14.76 -5.72 12.05
N PHE B 107 -14.16 -4.62 11.64
CA PHE B 107 -14.90 -3.65 10.83
C PHE B 107 -14.80 -3.95 9.33
N THR B 108 -15.83 -4.61 8.82
CA THR B 108 -15.87 -5.01 7.42
C THR B 108 -16.29 -3.91 6.45
N THR B 109 -16.88 -2.85 6.96
CA THR B 109 -17.29 -1.73 6.11
C THR B 109 -16.99 -0.41 6.80
N VAL B 110 -16.40 0.53 6.06
CA VAL B 110 -16.07 1.84 6.62
C VAL B 110 -16.40 2.95 5.63
N ARG B 111 -16.58 4.15 6.18
CA ARG B 111 -16.85 5.34 5.39
C ARG B 111 -15.66 6.28 5.62
N GLN B 112 -14.79 6.43 4.62
CA GLN B 112 -13.66 7.35 4.78
C GLN B 112 -14.15 8.73 4.40
N VAL B 113 -14.10 9.65 5.35
CA VAL B 113 -14.56 11.00 5.13
C VAL B 113 -13.42 11.98 5.10
N GLY B 114 -12.53 11.82 4.11
CA GLY B 114 -11.42 12.73 3.96
C GLY B 114 -10.00 12.17 3.93
N ASP B 115 -9.23 12.65 2.97
CA ASP B 115 -7.82 12.34 2.79
C ASP B 115 -7.33 13.33 1.74
N SER B 116 -6.05 13.26 1.36
CA SER B 116 -5.53 14.22 0.39
C SER B 116 -6.32 14.28 -0.92
N GLY B 117 -7.14 13.27 -1.17
CA GLY B 117 -7.96 13.25 -2.38
C GLY B 117 -8.21 11.92 -3.06
N LEU B 118 -7.18 11.12 -3.23
CA LEU B 118 -7.33 9.84 -3.93
C LEU B 118 -6.92 8.61 -3.13
N VAL B 119 -6.51 8.80 -1.88
CA VAL B 119 -6.08 7.67 -1.08
C VAL B 119 -7.16 6.61 -0.91
N ALA B 120 -8.27 6.95 -0.27
CA ALA B 120 -9.34 5.99 -0.04
C ALA B 120 -10.02 5.55 -1.34
N ILE B 121 -10.16 6.45 -2.30
CA ILE B 121 -10.76 6.09 -3.56
C ILE B 121 -9.91 5.00 -4.22
N SER B 122 -8.60 5.21 -4.25
CA SER B 122 -7.72 4.23 -4.84
C SER B 122 -7.70 2.93 -4.03
N LEU B 123 -7.65 3.04 -2.71
CA LEU B 123 -7.62 1.86 -1.86
C LEU B 123 -8.89 1.03 -2.05
N ARG B 124 -10.03 1.72 -2.12
CA ARG B 124 -11.31 1.08 -2.29
C ARG B 124 -11.34 0.27 -3.57
N ASP B 125 -10.91 0.88 -4.69
CA ASP B 125 -10.91 0.19 -5.97
C ASP B 125 -9.93 -0.98 -6.03
N ALA B 126 -8.83 -0.87 -5.31
CA ALA B 126 -7.83 -1.94 -5.26
C ALA B 126 -8.42 -3.12 -4.51
N ILE B 127 -9.07 -2.84 -3.39
CA ILE B 127 -9.68 -3.89 -2.60
C ILE B 127 -10.84 -4.52 -3.35
N ASN B 128 -11.77 -3.69 -3.83
CA ASN B 128 -12.91 -4.24 -4.54
C ASN B 128 -12.57 -5.08 -5.75
N SER B 129 -11.37 -4.93 -6.29
CA SER B 129 -10.98 -5.72 -7.46
C SER B 129 -10.07 -6.89 -7.10
N GLY B 130 -10.00 -7.18 -5.80
CA GLY B 130 -9.19 -8.29 -5.30
C GLY B 130 -7.68 -8.16 -5.31
N LYS B 131 -7.15 -6.94 -5.39
CA LYS B 131 -5.71 -6.73 -5.41
C LYS B 131 -5.07 -6.90 -4.03
N LEU B 132 -5.84 -6.62 -2.99
CA LEU B 132 -5.37 -6.79 -1.62
C LEU B 132 -6.59 -6.87 -0.69
N ALA B 133 -6.39 -7.42 0.50
CA ALA B 133 -7.46 -7.58 1.47
C ALA B 133 -7.77 -6.31 2.22
N GLY B 134 -9.04 -6.14 2.59
CA GLY B 134 -9.45 -4.96 3.31
C GLY B 134 -10.96 -4.85 3.42
N PRO B 135 -11.47 -3.82 4.10
CA PRO B 135 -12.91 -3.64 4.26
C PRO B 135 -13.54 -3.00 3.03
N ARG B 136 -14.86 -2.93 3.01
CA ARG B 136 -15.59 -2.30 1.91
C ARG B 136 -15.46 -0.83 2.23
N ILE B 137 -14.91 -0.06 1.31
CA ILE B 137 -14.73 1.37 1.56
C ILE B 137 -15.67 2.25 0.75
N PHE B 138 -16.17 3.29 1.41
CA PHE B 138 -17.03 4.26 0.78
C PHE B 138 -16.32 5.57 1.09
N ALA B 139 -15.71 6.15 0.06
CA ALA B 139 -14.92 7.37 0.20
C ALA B 139 -15.58 8.68 -0.17
N ALA B 140 -15.15 9.72 0.52
CA ALA B 140 -15.66 11.06 0.27
C ALA B 140 -14.59 11.80 -0.53
N GLY B 141 -13.41 11.19 -0.62
CA GLY B 141 -12.33 11.82 -1.34
C GLY B 141 -11.90 13.06 -0.57
N LYS B 142 -11.66 14.17 -1.28
CA LYS B 142 -11.22 15.39 -0.64
C LYS B 142 -12.32 16.16 0.07
N THR B 143 -12.13 16.44 1.36
CA THR B 143 -13.11 17.19 2.14
C THR B 143 -13.14 18.61 1.62
N ILE B 144 -14.34 19.12 1.33
CA ILE B 144 -14.47 20.46 0.80
C ILE B 144 -14.57 21.50 1.90
N ALA B 145 -13.86 22.61 1.73
CA ALA B 145 -13.87 23.68 2.72
C ALA B 145 -13.80 25.03 2.03
N THR B 146 -14.01 26.08 2.81
CA THR B 146 -13.93 27.44 2.28
C THR B 146 -12.55 27.95 2.67
N THR B 147 -12.13 29.04 2.04
CA THR B 147 -10.82 29.62 2.29
C THR B 147 -10.49 29.73 3.77
N GLY B 148 -9.37 29.14 4.15
CA GLY B 148 -8.94 29.18 5.54
C GLY B 148 -9.67 28.18 6.40
N GLY B 149 -10.66 27.52 5.81
CA GLY B 149 -11.45 26.54 6.53
C GLY B 149 -10.67 25.39 7.14
N HIS B 150 -11.32 24.66 8.04
CA HIS B 150 -10.70 23.52 8.73
C HIS B 150 -10.03 22.50 7.78
N ALA B 151 -10.60 22.30 6.60
CA ALA B 151 -10.05 21.34 5.67
C ALA B 151 -9.28 21.94 4.49
N ASP B 152 -8.81 23.18 4.65
CA ASP B 152 -8.04 23.84 3.61
C ASP B 152 -6.61 23.29 3.72
N PRO B 153 -6.19 22.48 2.73
CA PRO B 153 -4.85 21.88 2.75
C PRO B 153 -3.68 22.87 2.74
N THR B 154 -3.94 24.14 2.45
CA THR B 154 -2.85 25.10 2.44
C THR B 154 -2.74 25.95 3.70
N ASN B 155 -3.50 25.58 4.75
CA ASN B 155 -3.42 26.29 6.03
C ASN B 155 -2.05 26.01 6.66
N GLY B 156 -1.60 26.94 7.49
CA GLY B 156 -0.33 26.79 8.17
C GLY B 156 0.92 26.90 7.30
N LYS B 157 0.84 27.67 6.23
CA LYS B 157 2.00 27.82 5.36
C LYS B 157 2.32 29.27 5.13
N ALA B 158 3.61 29.59 5.07
CA ALA B 158 4.05 30.95 4.84
C ALA B 158 3.50 31.37 3.49
N VAL B 159 3.26 32.67 3.35
CA VAL B 159 2.70 33.24 2.14
C VAL B 159 3.33 32.80 0.82
N ASP B 160 4.65 32.67 0.78
CA ASP B 160 5.31 32.28 -0.46
C ASP B 160 5.47 30.77 -0.60
N ASP B 161 4.93 30.02 0.35
CA ASP B 161 5.04 28.58 0.31
C ASP B 161 3.77 27.83 -0.05
N TYR B 162 2.89 28.48 -0.81
CA TYR B 162 1.65 27.84 -1.24
C TYR B 162 0.96 28.71 -2.27
N ASP B 163 0.19 28.08 -3.14
CA ASP B 163 -0.58 28.80 -4.13
C ASP B 163 -2.03 28.74 -3.65
N TYR B 164 -2.78 29.80 -3.90
CA TYR B 164 -4.17 29.83 -3.49
C TYR B 164 -4.87 28.65 -4.18
N PRO B 165 -5.51 27.78 -3.40
CA PRO B 165 -6.22 26.63 -3.97
C PRO B 165 -7.46 27.01 -4.78
N VAL B 166 -7.78 26.19 -5.76
CA VAL B 166 -8.96 26.40 -6.60
C VAL B 166 -10.11 25.49 -6.14
N PRO B 167 -11.33 25.77 -6.59
CA PRO B 167 -12.49 24.96 -6.21
C PRO B 167 -12.27 23.45 -6.37
N GLU B 168 -11.73 23.06 -7.51
CA GLU B 168 -11.49 21.65 -7.78
C GLU B 168 -10.60 21.00 -6.74
N GLN B 169 -9.74 21.79 -6.10
CA GLN B 169 -8.86 21.23 -5.08
C GLN B 169 -9.60 21.11 -3.74
N GLY B 170 -10.86 21.53 -3.72
CA GLY B 170 -11.63 21.43 -2.50
C GLY B 170 -11.78 22.68 -1.63
N VAL B 171 -11.26 23.81 -2.10
CA VAL B 171 -11.39 25.06 -1.34
C VAL B 171 -12.28 25.96 -2.19
N VAL B 172 -13.41 26.38 -1.63
CA VAL B 172 -14.38 27.18 -2.37
C VAL B 172 -14.96 28.42 -1.68
N ASN B 173 -15.54 29.28 -2.49
CA ASN B 173 -16.21 30.50 -2.01
C ASN B 173 -17.41 30.74 -2.96
N GLY B 174 -18.62 30.70 -2.42
CA GLY B 174 -19.81 30.89 -3.25
C GLY B 174 -20.44 29.58 -3.73
N PRO B 175 -21.70 29.61 -4.17
CA PRO B 175 -22.40 28.41 -4.64
C PRO B 175 -21.88 27.75 -5.90
N TYR B 176 -21.36 28.54 -6.84
CA TYR B 176 -20.87 27.99 -8.09
C TYR B 176 -19.57 27.22 -7.92
N GLU B 177 -18.66 27.73 -7.08
CA GLU B 177 -17.41 27.03 -6.83
C GLU B 177 -17.75 25.76 -6.05
N VAL B 178 -18.82 25.81 -5.27
CA VAL B 178 -19.24 24.65 -4.51
C VAL B 178 -19.59 23.53 -5.48
N TYR B 179 -20.35 23.86 -6.52
CA TYR B 179 -20.74 22.87 -7.52
C TYR B 179 -19.52 22.26 -8.21
N ALA B 180 -18.49 23.07 -8.42
CA ALA B 180 -17.29 22.59 -9.07
C ALA B 180 -16.57 21.61 -8.16
N ALA B 181 -16.50 21.94 -6.88
CA ALA B 181 -15.84 21.08 -5.90
C ALA B 181 -16.60 19.76 -5.73
N VAL B 182 -17.92 19.83 -5.66
CA VAL B 182 -18.74 18.63 -5.52
C VAL B 182 -18.58 17.78 -6.78
N ARG B 183 -18.72 18.41 -7.94
CA ARG B 183 -18.57 17.68 -9.19
C ARG B 183 -17.17 17.08 -9.35
N GLN B 184 -16.15 17.75 -8.80
CA GLN B 184 -14.78 17.24 -8.87
C GLN B 184 -14.64 15.94 -8.09
N ARG B 185 -15.24 15.88 -6.91
CA ARG B 185 -15.16 14.65 -6.10
C ARG B 185 -15.85 13.51 -6.88
N TYR B 186 -16.93 13.84 -7.58
CA TYR B 186 -17.63 12.84 -8.39
C TYR B 186 -16.64 12.40 -9.48
N LYS B 187 -15.98 13.38 -10.08
CA LYS B 187 -15.00 13.13 -11.12
C LYS B 187 -13.88 12.27 -10.60
N ASP B 188 -13.40 12.54 -9.39
CA ASP B 188 -12.31 11.76 -8.81
C ASP B 188 -12.72 10.33 -8.51
N GLY B 189 -14.03 10.08 -8.40
CA GLY B 189 -14.51 8.74 -8.11
C GLY B 189 -15.09 8.57 -6.71
N ALA B 190 -15.43 9.66 -6.05
CA ALA B 190 -15.99 9.58 -4.69
C ALA B 190 -17.43 9.04 -4.60
N ASP B 191 -17.74 8.40 -3.48
CA ASP B 191 -19.07 7.87 -3.22
C ASP B 191 -19.92 8.96 -2.60
N GLY B 192 -19.27 9.87 -1.88
CA GLY B 192 -19.97 10.94 -1.22
C GLY B 192 -19.16 12.21 -1.03
N ILE B 193 -19.72 13.11 -0.24
CA ILE B 193 -19.09 14.39 0.02
C ILE B 193 -18.95 14.67 1.51
N LYS B 194 -17.86 15.33 1.87
CA LYS B 194 -17.66 15.76 3.23
C LYS B 194 -17.20 17.22 3.19
N ILE B 195 -17.77 18.04 4.06
CA ILE B 195 -17.40 19.43 4.15
C ILE B 195 -17.17 19.77 5.60
N THR B 196 -16.42 20.85 5.84
CA THR B 196 -16.18 21.34 7.19
C THR B 196 -17.05 22.61 7.27
N VAL B 197 -18.24 22.46 7.85
CA VAL B 197 -19.17 23.59 7.96
C VAL B 197 -18.81 24.57 9.08
N THR B 198 -17.87 24.18 9.93
CA THR B 198 -17.40 25.04 11.01
C THR B 198 -15.90 24.78 11.13
N GLY B 199 -15.23 25.59 11.92
CA GLY B 199 -13.81 25.39 12.11
C GLY B 199 -13.61 24.06 12.80
N GLY B 200 -12.35 23.68 12.99
CA GLY B 200 -12.04 22.42 13.63
C GLY B 200 -10.88 22.56 14.58
N VAL B 201 -10.47 21.43 15.16
CA VAL B 201 -9.40 21.39 16.13
C VAL B 201 -7.99 21.19 15.58
N LEU B 202 -7.76 20.04 14.94
CA LEU B 202 -6.45 19.68 14.41
C LEU B 202 -5.87 20.52 13.27
N SER B 203 -6.62 21.51 12.79
CA SER B 203 -6.11 22.36 11.72
C SER B 203 -5.33 23.56 12.27
N VAL B 204 -4.28 23.95 11.55
CA VAL B 204 -3.44 25.08 11.96
C VAL B 204 -4.18 26.34 11.53
N ALA B 205 -5.24 26.65 12.26
CA ALA B 205 -6.08 27.82 12.00
C ALA B 205 -6.68 28.32 13.32
N LYS B 206 -6.97 29.61 13.39
CA LYS B 206 -7.50 30.22 14.59
C LYS B 206 -8.75 29.59 15.24
N SER B 207 -9.85 29.55 14.52
CA SER B 207 -11.09 29.01 15.08
C SER B 207 -11.25 27.50 15.05
N GLY B 208 -12.00 27.00 16.04
CA GLY B 208 -12.27 25.59 16.13
C GLY B 208 -13.78 25.30 16.07
N GLN B 209 -14.58 26.33 15.80
CA GLN B 209 -16.03 26.13 15.74
C GLN B 209 -16.87 27.14 14.94
N ASN B 210 -16.29 28.26 14.52
CA ASN B 210 -17.04 29.27 13.78
C ASN B 210 -17.69 28.72 12.51
N PRO B 211 -18.81 29.33 12.07
CA PRO B 211 -19.51 28.89 10.86
C PRO B 211 -18.64 29.25 9.64
N GLN B 212 -18.31 28.26 8.82
CA GLN B 212 -17.46 28.50 7.65
C GLN B 212 -18.13 28.36 6.29
N PHE B 213 -19.41 27.99 6.28
CA PHE B 213 -20.17 27.90 5.04
C PHE B 213 -21.37 28.83 5.23
N THR B 214 -21.79 29.53 4.17
CA THR B 214 -22.95 30.39 4.24
C THR B 214 -24.12 29.44 3.94
N GLN B 215 -25.34 29.85 4.28
CA GLN B 215 -26.50 29.00 4.02
C GLN B 215 -26.58 28.68 2.53
N GLU B 216 -26.27 29.67 1.70
CA GLU B 216 -26.29 29.48 0.25
C GLU B 216 -25.24 28.45 -0.21
N GLU B 217 -24.06 28.50 0.39
CA GLU B 217 -22.99 27.56 0.03
C GLU B 217 -23.33 26.13 0.42
N VAL B 218 -23.85 25.94 1.63
CA VAL B 218 -24.19 24.60 2.08
C VAL B 218 -25.43 24.08 1.34
N ASP B 219 -26.35 24.97 0.98
CA ASP B 219 -27.53 24.55 0.22
C ASP B 219 -27.03 24.00 -1.12
N ALA B 220 -26.06 24.69 -1.72
CA ALA B 220 -25.50 24.26 -3.00
C ALA B 220 -24.82 22.89 -2.87
N VAL B 221 -24.19 22.62 -1.73
CA VAL B 221 -23.54 21.35 -1.50
C VAL B 221 -24.58 20.22 -1.58
N VAL B 222 -25.70 20.42 -0.87
CA VAL B 222 -26.77 19.43 -0.86
C VAL B 222 -27.39 19.24 -2.24
N SER B 223 -27.85 20.32 -2.87
CA SER B 223 -28.45 20.18 -4.19
C SER B 223 -27.48 19.60 -5.23
N ALA B 224 -26.19 19.94 -5.12
CA ALA B 224 -25.21 19.41 -6.07
C ALA B 224 -25.03 17.93 -5.83
N ALA B 225 -24.82 17.57 -4.56
CA ALA B 225 -24.63 16.16 -4.20
C ALA B 225 -25.84 15.30 -4.59
N LYS B 226 -27.03 15.90 -4.46
CA LYS B 226 -28.27 15.21 -4.77
C LYS B 226 -28.34 14.86 -6.26
N ASP B 227 -27.88 15.78 -7.09
CA ASP B 227 -27.87 15.58 -8.54
C ASP B 227 -26.95 14.44 -8.95
N TYR B 228 -25.95 14.15 -8.12
CA TYR B 228 -25.03 13.06 -8.43
C TYR B 228 -25.24 11.86 -7.53
N GLY B 229 -26.34 11.87 -6.77
CA GLY B 229 -26.66 10.77 -5.90
C GLY B 229 -25.60 10.47 -4.85
N TRP B 231 -24.10 11.07 -0.88
CA TRP B 231 -24.50 11.44 0.47
C TRP B 231 -23.59 12.57 0.94
N VAL B 232 -24.01 13.31 1.96
CA VAL B 232 -23.20 14.41 2.46
C VAL B 232 -22.91 14.32 3.96
N ALA B 233 -21.65 14.10 4.29
CA ALA B 233 -21.23 14.03 5.70
C ALA B 233 -20.74 15.43 6.06
N VAL B 234 -20.98 15.86 7.30
CA VAL B 234 -20.59 17.20 7.70
C VAL B 234 -19.88 17.31 9.04
N HIS B 235 -18.66 17.84 9.00
CA HIS B 235 -17.88 18.09 10.20
C HIS B 235 -18.46 19.38 10.80
N ALA B 236 -18.77 19.36 12.09
CA ALA B 236 -19.31 20.56 12.73
C ALA B 236 -19.20 20.55 14.24
N HIS B 237 -18.56 21.58 14.78
CA HIS B 237 -18.43 21.71 16.22
C HIS B 237 -19.39 22.80 16.68
N GLY B 238 -19.27 23.98 16.09
CA GLY B 238 -20.15 25.09 16.43
C GLY B 238 -21.59 24.82 16.05
N ALA B 239 -22.52 25.30 16.88
CA ALA B 239 -23.94 25.09 16.65
C ALA B 239 -24.50 25.81 15.43
N GLU B 240 -24.09 27.06 15.23
CA GLU B 240 -24.57 27.84 14.09
C GLU B 240 -24.29 27.17 12.74
N GLY B 241 -23.05 26.69 12.55
CA GLY B 241 -22.73 26.05 11.29
C GLY B 241 -23.46 24.73 11.15
N LYS B 243 -26.35 23.91 12.29
CA LYS B 243 -27.74 24.18 11.94
C LYS B 243 -27.94 24.51 10.46
N ARG B 244 -27.05 25.32 9.90
CA ARG B 244 -27.18 25.66 8.49
C ARG B 244 -27.13 24.37 7.66
N ALA B 245 -26.30 23.42 8.10
CA ALA B 245 -26.16 22.17 7.39
C ALA B 245 -27.37 21.27 7.59
N ILE B 246 -27.82 21.12 8.83
CA ILE B 246 -28.97 20.27 9.08
C ILE B 246 -30.16 20.77 8.26
N LYS B 247 -30.41 22.07 8.31
CA LYS B 247 -31.51 22.67 7.57
C LYS B 247 -31.40 22.40 6.08
N ALA B 248 -30.17 22.42 5.56
CA ALA B 248 -29.94 22.19 4.14
C ALA B 248 -30.32 20.77 3.71
N GLY B 249 -30.30 19.84 4.66
CA GLY B 249 -30.66 18.47 4.35
C GLY B 249 -29.51 17.51 4.19
N VAL B 250 -28.45 17.71 4.96
CA VAL B 250 -27.30 16.82 4.88
C VAL B 250 -27.62 15.48 5.55
N ASP B 251 -26.89 14.44 5.18
CA ASP B 251 -27.13 13.11 5.72
C ASP B 251 -26.66 12.89 7.14
N SER B 252 -25.52 13.48 7.50
CA SER B 252 -25.02 13.29 8.86
C SER B 252 -24.14 14.42 9.36
N ILE B 253 -24.00 14.50 10.68
CA ILE B 253 -23.19 15.51 11.34
C ILE B 253 -22.11 14.75 12.11
N GLU B 254 -20.85 15.17 11.96
CA GLU B 254 -19.76 14.50 12.64
C GLU B 254 -19.33 15.33 13.84
N HIS B 255 -19.02 14.66 14.95
CA HIS B 255 -18.59 15.33 16.17
C HIS B 255 -19.73 16.08 16.88
N GLY B 256 -20.31 17.05 16.18
CA GLY B 256 -21.41 17.84 16.72
C GLY B 256 -21.21 18.34 18.14
N THR B 257 -19.94 18.56 18.51
CA THR B 257 -19.53 19.00 19.83
C THR B 257 -20.40 20.00 20.62
N PHE B 258 -20.75 21.13 20.02
CA PHE B 258 -21.54 22.13 20.75
C PHE B 258 -23.01 22.19 20.32
N ASP B 260 -26.76 22.26 20.23
CA ASP B 260 -27.74 22.76 21.20
C ASP B 260 -29.09 22.09 21.03
N LEU B 261 -30.10 22.57 21.76
CA LEU B 261 -31.44 21.98 21.67
C LEU B 261 -32.07 22.14 20.29
N GLU B 262 -32.01 23.33 19.71
CA GLU B 262 -32.59 23.56 18.39
C GLU B 262 -32.00 22.59 17.37
N ALA B 263 -30.70 22.37 17.44
CA ALA B 263 -30.02 21.47 16.51
C ALA B 263 -30.56 20.04 16.64
N ASP B 265 -33.44 19.01 17.80
CA ASP B 265 -34.79 18.93 17.27
C ASP B 265 -34.79 18.97 15.75
N LEU B 266 -33.93 19.80 15.17
CA LEU B 266 -33.83 19.90 13.72
C LEU B 266 -33.38 18.56 13.14
N ILE B 268 -33.68 15.54 14.38
CA ILE B 268 -34.72 14.54 14.53
C ILE B 268 -35.78 14.75 13.46
N GLU B 269 -36.10 16.01 13.21
CA GLU B 269 -37.10 16.38 12.22
C GLU B 269 -36.67 16.00 10.82
N ASN B 270 -35.42 16.30 10.47
CA ASN B 270 -34.90 15.99 9.15
C ASN B 270 -34.40 14.56 9.03
N GLY B 271 -34.31 13.87 10.15
CA GLY B 271 -33.84 12.49 10.14
C GLY B 271 -32.33 12.45 9.87
N THR B 272 -31.62 13.42 10.44
CA THR B 272 -30.17 13.50 10.27
C THR B 272 -29.43 12.59 11.25
N TYR B 273 -28.48 11.82 10.74
CA TYR B 273 -27.70 10.92 11.59
C TYR B 273 -26.58 11.65 12.32
N TYR B 274 -26.28 11.19 13.54
CA TYR B 274 -25.23 11.79 14.35
C TYR B 274 -24.09 10.80 14.54
N VAL B 275 -22.89 11.19 14.11
CA VAL B 275 -21.70 10.35 14.25
C VAL B 275 -20.85 11.10 15.28
N PRO B 276 -20.91 10.66 16.55
CA PRO B 276 -20.17 11.29 17.65
C PRO B 276 -18.63 11.29 17.67
N THR B 277 -18.01 10.18 17.36
CA THR B 277 -16.54 10.06 17.38
C THR B 277 -16.01 10.46 18.75
N ILE B 278 -16.55 9.80 19.79
CA ILE B 278 -16.14 10.08 21.16
C ILE B 278 -14.66 9.80 21.38
N SER B 279 -14.19 8.68 20.83
CA SER B 279 -12.79 8.28 20.97
C SER B 279 -11.79 9.38 20.65
N ALA B 280 -12.04 10.12 19.57
CA ALA B 280 -11.14 11.18 19.15
C ALA B 280 -11.31 12.41 20.03
N GLY B 281 -12.51 12.58 20.59
CA GLY B 281 -12.73 13.69 21.47
C GLY B 281 -11.86 13.50 22.71
N GLU B 282 -11.86 12.28 23.23
CA GLU B 282 -11.06 11.94 24.41
C GLU B 282 -9.57 12.02 24.11
N PHE B 283 -9.20 11.67 22.88
CA PHE B 283 -7.80 11.70 22.46
C PHE B 283 -7.22 13.12 22.56
N VAL B 284 -7.85 14.07 21.86
CA VAL B 284 -7.37 15.45 21.85
C VAL B 284 -7.38 16.12 23.21
N ALA B 285 -8.42 15.88 23.99
CA ALA B 285 -8.47 16.47 25.32
C ALA B 285 -7.38 15.90 26.22
N GLU B 286 -7.11 14.60 26.06
CA GLU B 286 -6.07 13.93 26.84
C GLU B 286 -4.68 14.42 26.43
N LYS B 287 -4.44 14.50 25.12
CA LYS B 287 -3.14 14.95 24.59
C LYS B 287 -2.91 16.45 24.79
N SER B 288 -4.00 17.22 24.90
CA SER B 288 -3.88 18.66 25.07
C SER B 288 -3.23 19.03 26.40
N LYS B 289 -3.01 18.02 27.23
CA LYS B 289 -2.40 18.24 28.54
C LYS B 289 -0.87 18.15 28.43
N ILE B 290 -0.40 17.60 27.32
CA ILE B 290 1.03 17.43 27.07
C ILE B 290 1.58 18.67 26.37
N ASP B 291 2.63 19.26 26.93
CA ASP B 291 3.23 20.44 26.33
C ASP B 291 3.86 20.13 24.98
N ASN B 292 3.55 20.97 24.00
CA ASN B 292 4.08 20.84 22.65
C ASN B 292 3.67 19.60 21.86
N PHE B 293 2.59 18.95 22.27
CA PHE B 293 2.10 17.78 21.56
C PHE B 293 1.45 18.30 20.29
N PHE B 294 0.56 19.28 20.48
CA PHE B 294 -0.14 19.93 19.39
C PHE B 294 0.54 21.26 19.09
N PRO B 295 0.23 21.86 17.93
CA PRO B 295 0.85 23.15 17.61
C PRO B 295 0.17 24.11 18.60
N GLU B 296 0.77 25.26 18.87
CA GLU B 296 0.18 26.20 19.82
C GLU B 296 -1.23 26.68 19.49
N ILE B 297 -1.48 26.97 18.23
CA ILE B 297 -2.79 27.46 17.80
C ILE B 297 -3.87 26.37 17.92
N VAL B 298 -3.43 25.11 17.92
CA VAL B 298 -4.34 23.96 18.01
C VAL B 298 -4.71 23.57 19.43
N ARG B 299 -3.73 23.62 20.33
CA ARG B 299 -3.92 23.22 21.72
C ARG B 299 -5.20 23.68 22.41
N PRO B 300 -5.47 25.00 22.44
CA PRO B 300 -6.69 25.52 23.08
C PRO B 300 -7.95 24.86 22.54
N LYS B 301 -7.99 24.71 21.22
CA LYS B 301 -9.13 24.11 20.55
C LYS B 301 -9.32 22.66 20.99
N ALA B 302 -8.22 21.94 21.16
CA ALA B 302 -8.30 20.55 21.58
C ALA B 302 -8.79 20.46 23.03
N ALA B 303 -8.28 21.34 23.88
CA ALA B 303 -8.68 21.35 25.30
C ALA B 303 -10.16 21.65 25.46
N SER B 304 -10.67 22.53 24.59
CA SER B 304 -12.06 22.96 24.62
C SER B 304 -13.07 21.98 24.01
N VAL B 305 -12.79 21.51 22.81
CA VAL B 305 -13.69 20.60 22.10
C VAL B 305 -13.71 19.16 22.61
N GLY B 306 -12.53 18.57 22.74
CA GLY B 306 -12.42 17.19 23.18
C GLY B 306 -13.27 16.68 24.35
N PRO B 307 -13.23 17.32 25.52
CA PRO B 307 -14.01 16.85 26.67
C PRO B 307 -15.54 16.98 26.57
N GLN B 308 -16.00 17.80 25.64
CA GLN B 308 -17.43 18.04 25.49
C GLN B 308 -18.24 16.99 24.71
N ILE B 309 -17.62 16.31 23.75
CA ILE B 309 -18.33 15.34 22.95
C ILE B 309 -19.03 14.23 23.75
N SER B 310 -18.35 13.65 24.73
CA SER B 310 -18.96 12.60 25.55
C SER B 310 -20.25 13.12 26.18
N ASP B 311 -20.18 14.33 26.72
CA ASP B 311 -21.34 14.94 27.35
C ASP B 311 -22.45 15.15 26.32
N THR B 312 -22.09 15.70 25.16
CA THR B 312 -23.04 15.96 24.09
C THR B 312 -23.68 14.67 23.58
N PHE B 313 -22.89 13.61 23.47
CA PHE B 313 -23.40 12.32 23.02
C PHE B 313 -24.59 11.87 23.88
N ARG B 314 -24.40 11.86 25.21
CA ARG B 314 -25.44 11.44 26.14
C ARG B 314 -26.72 12.23 25.90
N LYS B 315 -26.60 13.55 25.78
CA LYS B 315 -27.76 14.40 25.54
C LYS B 315 -28.47 13.99 24.25
N ALA B 316 -27.70 13.85 23.17
CA ALA B 316 -28.27 13.49 21.88
C ALA B 316 -28.97 12.13 21.90
N TYR B 317 -28.32 11.13 22.48
CA TYR B 317 -28.91 9.79 22.56
C TYR B 317 -30.25 9.81 23.30
N GLU B 318 -30.23 10.32 24.52
CA GLU B 318 -31.42 10.39 25.34
C GLU B 318 -32.54 11.21 24.70
N LYS B 319 -32.17 12.24 23.95
CA LYS B 319 -33.15 13.09 23.27
C LYS B 319 -33.77 12.37 22.08
N GLY B 320 -33.15 11.27 21.66
CA GLY B 320 -33.67 10.48 20.56
C GLY B 320 -33.14 10.79 19.17
N VAL B 321 -31.96 11.40 19.10
CA VAL B 321 -31.35 11.71 17.81
C VAL B 321 -30.78 10.42 17.22
N LYS B 322 -30.98 10.21 15.92
CA LYS B 322 -30.48 9.01 15.28
C LYS B 322 -28.95 9.00 15.41
N ILE B 323 -28.40 7.82 15.71
CA ILE B 323 -26.97 7.70 15.89
C ILE B 323 -26.33 6.56 15.14
N ALA B 324 -25.21 6.85 14.48
CA ALA B 324 -24.47 5.85 13.72
C ALA B 324 -23.01 5.85 14.19
N PHE B 325 -22.45 4.66 14.36
CA PHE B 325 -21.07 4.46 14.81
C PHE B 325 -20.02 5.14 13.91
N GLY B 326 -19.08 5.83 14.56
CA GLY B 326 -18.01 6.52 13.87
C GLY B 326 -17.00 7.02 14.90
N THR B 327 -15.72 6.75 14.65
CA THR B 327 -14.65 7.09 15.61
C THR B 327 -13.63 8.17 15.28
N ASP B 328 -13.52 8.54 14.01
CA ASP B 328 -12.54 9.52 13.58
C ASP B 328 -11.15 8.90 13.76
N ALA B 329 -11.10 7.58 13.57
CA ALA B 329 -9.86 6.83 13.62
C ALA B 329 -8.96 7.44 12.53
N GLY B 330 -7.74 7.77 12.87
CA GLY B 330 -6.82 8.43 11.99
C GLY B 330 -6.24 9.50 12.86
N VAL B 331 -7.04 9.90 13.82
CA VAL B 331 -6.60 10.82 14.87
C VAL B 331 -5.89 9.88 15.81
N GLN B 332 -6.67 9.09 16.54
CA GLN B 332 -6.10 8.06 17.39
C GLN B 332 -5.72 6.90 16.48
N LYS B 333 -4.90 5.97 16.95
CA LYS B 333 -4.48 4.82 16.14
C LYS B 333 -5.61 4.02 15.49
N HIS B 334 -5.35 3.51 14.29
CA HIS B 334 -6.34 2.71 13.57
C HIS B 334 -6.31 1.32 14.19
N GLY B 335 -7.48 0.70 14.35
CA GLY B 335 -7.54 -0.63 14.93
C GLY B 335 -8.03 -0.63 16.38
N THR B 336 -8.24 0.55 16.93
CA THR B 336 -8.72 0.70 18.31
C THR B 336 -10.17 1.17 18.27
N ASN B 337 -10.78 1.02 17.09
CA ASN B 337 -12.16 1.41 16.86
C ASN B 337 -13.13 0.87 17.92
N TRP B 338 -12.89 -0.35 18.41
CA TRP B 338 -13.76 -0.95 19.43
C TRP B 338 -14.00 -0.09 20.68
N LYS B 339 -12.97 0.66 21.10
CA LYS B 339 -13.10 1.53 22.27
C LYS B 339 -14.30 2.46 22.17
N GLU B 340 -14.69 2.82 20.95
CA GLU B 340 -15.84 3.69 20.75
C GLU B 340 -17.08 3.06 21.41
N PHE B 341 -17.19 1.73 21.32
CA PHE B 341 -18.31 0.99 21.92
C PHE B 341 -18.31 1.22 23.43
N VAL B 342 -17.15 1.10 24.04
CA VAL B 342 -17.02 1.29 25.49
C VAL B 342 -17.44 2.70 25.88
N TYR B 343 -17.01 3.70 25.10
CA TYR B 343 -17.37 5.08 25.41
C TYR B 343 -18.87 5.31 25.25
N VAL B 345 -21.35 3.15 25.66
CA VAL B 345 -22.07 2.53 26.77
C VAL B 345 -21.90 3.33 28.06
N GLU B 346 -20.67 3.76 28.34
CA GLU B 346 -20.41 4.53 29.54
C GLU B 346 -21.09 5.88 29.54
N ASN B 347 -21.53 6.34 28.38
CA ASN B 347 -22.18 7.64 28.33
C ASN B 347 -23.70 7.57 28.13
N GLY B 348 -24.30 6.43 28.45
CA GLY B 348 -25.75 6.32 28.35
C GLY B 348 -26.41 5.37 27.37
N PRO B 350 -27.16 1.69 25.84
CA PRO B 350 -27.02 0.27 26.17
C PRO B 350 -26.29 -0.53 25.08
N ALA B 351 -25.57 -1.56 25.50
CA ALA B 351 -24.78 -2.40 24.62
C ALA B 351 -25.39 -2.80 23.26
N LYS B 353 -27.89 -1.48 21.62
CA LYS B 353 -28.14 -0.29 20.83
C LYS B 353 -26.85 0.18 20.18
N ALA B 354 -25.74 -0.01 20.88
CA ALA B 354 -24.44 0.39 20.37
C ALA B 354 -24.00 -0.52 19.24
N ILE B 355 -24.30 -1.80 19.37
CA ILE B 355 -23.92 -2.74 18.33
C ILE B 355 -24.79 -2.50 17.11
N GLN B 356 -26.05 -2.15 17.33
CA GLN B 356 -26.97 -1.89 16.24
C GLN B 356 -26.60 -0.61 15.50
N SER B 357 -25.98 0.34 16.19
CA SER B 357 -25.60 1.60 15.57
C SER B 357 -24.37 1.44 14.70
N ALA B 358 -23.68 0.31 14.85
CA ALA B 358 -22.50 0.02 14.07
C ALA B 358 -22.80 -1.08 13.05
N THR B 359 -24.07 -1.45 12.93
CA THR B 359 -24.48 -2.49 11.99
C THR B 359 -25.61 -2.02 11.07
N GLU B 361 -27.79 0.77 11.65
CA GLU B 361 -27.88 2.23 11.50
C GLU B 361 -26.83 2.75 10.52
N THR B 362 -25.65 2.14 10.52
CA THR B 362 -24.58 2.54 9.62
C THR B 362 -24.99 2.13 8.22
N ALA B 363 -25.61 0.95 8.10
CA ALA B 363 -26.05 0.45 6.80
C ALA B 363 -27.03 1.42 6.16
N LYS B 364 -27.93 1.98 6.97
CA LYS B 364 -28.90 2.94 6.48
C LYS B 364 -28.24 4.24 6.05
N LEU B 365 -27.25 4.69 6.82
CA LEU B 365 -26.54 5.93 6.50
C LEU B 365 -25.80 5.79 5.18
N LEU B 366 -25.22 4.62 4.93
CA LEU B 366 -24.51 4.38 3.69
C LEU B 366 -25.45 3.91 2.58
N ARG B 367 -26.73 3.81 2.88
CA ARG B 367 -27.74 3.39 1.89
C ARG B 367 -27.44 2.01 1.35
N ILE B 368 -27.18 1.06 2.26
CA ILE B 368 -26.90 -0.31 1.88
C ILE B 368 -27.60 -1.31 2.80
N GLU B 369 -28.63 -0.83 3.51
CA GLU B 369 -29.37 -1.68 4.44
C GLU B 369 -29.98 -2.96 3.83
N ASP B 370 -30.22 -2.95 2.52
CA ASP B 370 -30.79 -4.12 1.87
C ASP B 370 -29.77 -5.22 1.55
N LYS B 371 -28.49 -4.88 1.65
CA LYS B 371 -27.43 -5.86 1.35
C LYS B 371 -26.58 -6.21 2.57
N LEU B 372 -26.36 -5.24 3.45
CA LEU B 372 -25.55 -5.44 4.62
C LEU B 372 -26.22 -4.92 5.88
N GLY B 373 -25.55 -5.06 7.02
CA GLY B 373 -26.09 -4.56 8.26
C GLY B 373 -26.73 -5.58 9.20
N SER B 374 -27.08 -6.76 8.68
CA SER B 374 -27.70 -7.77 9.53
C SER B 374 -27.48 -9.18 9.00
N ILE B 375 -27.59 -10.14 9.90
CA ILE B 375 -27.40 -11.54 9.55
C ILE B 375 -28.77 -12.14 9.30
N GLU B 376 -29.16 -12.13 8.03
CA GLU B 376 -30.45 -12.68 7.63
C GLU B 376 -30.38 -13.13 6.17
N SER B 377 -31.28 -14.04 5.81
CA SER B 377 -31.33 -14.60 4.47
C SER B 377 -31.32 -13.56 3.36
N GLY B 378 -30.43 -13.77 2.39
CA GLY B 378 -30.33 -12.86 1.27
C GLY B 378 -29.21 -11.84 1.34
N LYS B 379 -28.90 -11.33 2.53
CA LYS B 379 -27.84 -10.33 2.65
C LYS B 379 -26.44 -10.91 2.45
N LEU B 380 -25.52 -10.04 2.04
CA LEU B 380 -24.13 -10.43 1.81
C LEU B 380 -23.55 -11.00 3.09
N ALA B 381 -22.72 -12.03 2.96
CA ALA B 381 -22.11 -12.69 4.09
C ALA B 381 -20.91 -11.99 4.74
N ASP B 382 -21.17 -10.93 5.51
CA ASP B 382 -20.14 -10.21 6.23
C ASP B 382 -20.43 -10.48 7.71
N LEU B 383 -19.58 -11.26 8.36
CA LEU B 383 -19.77 -11.59 9.77
C LEU B 383 -18.47 -11.62 10.57
N ILE B 384 -18.60 -11.49 11.89
CA ILE B 384 -17.48 -11.54 12.80
C ILE B 384 -17.88 -12.39 14.00
N ALA B 385 -16.89 -12.90 14.72
CA ALA B 385 -17.15 -13.70 15.91
C ALA B 385 -16.16 -13.31 17.00
N VAL B 386 -16.49 -13.64 18.24
CA VAL B 386 -15.63 -13.32 19.37
C VAL B 386 -16.05 -14.15 20.58
N LYS B 387 -15.10 -14.47 21.45
CA LYS B 387 -15.41 -15.25 22.64
C LYS B 387 -15.88 -14.26 23.71
N GLY B 388 -17.06 -14.50 24.28
CA GLY B 388 -17.58 -13.62 25.31
C GLY B 388 -18.92 -13.01 24.94
N ASN B 389 -19.58 -12.40 25.92
CA ASN B 389 -20.88 -11.78 25.71
C ASN B 389 -20.80 -10.26 25.55
N PRO B 390 -20.88 -9.76 24.31
CA PRO B 390 -20.80 -8.33 24.00
C PRO B 390 -21.90 -7.48 24.66
N ILE B 391 -23.01 -8.12 25.01
CA ILE B 391 -24.12 -7.42 25.64
C ILE B 391 -23.81 -7.15 27.12
N GLU B 392 -23.10 -8.08 27.75
CA GLU B 392 -22.74 -7.95 29.16
C GLU B 392 -21.47 -7.13 29.36
N ASP B 393 -20.54 -7.24 28.41
CA ASP B 393 -19.28 -6.51 28.45
C ASP B 393 -18.83 -6.29 27.00
N ILE B 394 -19.26 -5.16 26.44
CA ILE B 394 -18.96 -4.81 25.07
C ILE B 394 -17.46 -4.64 24.79
N SER B 395 -16.65 -4.60 25.84
CA SER B 395 -15.22 -4.42 25.67
C SER B 395 -14.59 -5.67 25.08
N VAL B 396 -15.37 -6.74 25.00
CA VAL B 396 -14.83 -7.97 24.42
C VAL B 396 -14.62 -7.82 22.91
N LEU B 397 -15.30 -6.85 22.31
CA LEU B 397 -15.16 -6.61 20.89
C LEU B 397 -13.74 -6.23 20.53
N GLU B 398 -12.87 -6.21 21.54
CA GLU B 398 -11.47 -5.90 21.35
C GLU B 398 -10.80 -7.18 20.90
N ASN B 399 -11.49 -8.30 21.11
CA ASN B 399 -10.93 -9.60 20.77
C ASN B 399 -11.65 -10.36 19.64
N VAL B 400 -12.11 -9.64 18.63
CA VAL B 400 -12.76 -10.30 17.50
C VAL B 400 -11.69 -11.20 16.90
N ASP B 401 -11.96 -12.49 16.83
CA ASP B 401 -10.96 -13.43 16.29
C ASP B 401 -11.41 -14.12 15.02
N VAL B 402 -12.55 -13.70 14.48
CA VAL B 402 -13.07 -14.28 13.24
C VAL B 402 -13.65 -13.17 12.37
N VAL B 403 -13.18 -13.09 11.13
CA VAL B 403 -13.69 -12.08 10.22
C VAL B 403 -13.98 -12.71 8.86
N ILE B 404 -15.25 -12.64 8.46
CA ILE B 404 -15.71 -13.19 7.20
C ILE B 404 -16.30 -12.04 6.39
N LYS B 405 -15.83 -11.88 5.16
CA LYS B 405 -16.31 -10.82 4.31
C LYS B 405 -16.67 -11.38 2.97
N ASP B 406 -17.86 -11.04 2.48
CA ASP B 406 -18.31 -11.53 1.19
C ASP B 406 -18.32 -13.07 1.12
N GLY B 407 -18.42 -13.71 2.28
CA GLY B 407 -18.45 -15.17 2.32
C GLY B 407 -17.09 -15.83 2.54
N LEU B 408 -16.01 -15.06 2.47
CA LEU B 408 -14.68 -15.63 2.67
C LEU B 408 -14.20 -15.38 4.09
N LEU B 409 -13.51 -16.36 4.66
CA LEU B 409 -12.98 -16.24 6.00
C LEU B 409 -11.57 -15.65 5.90
N TYR B 410 -11.31 -14.57 6.64
CA TYR B 410 -10.00 -13.93 6.62
C TYR B 410 -9.24 -14.17 7.93
#